data_5HDI
#
_entry.id   5HDI
#
_cell.length_a   58.350
_cell.length_b   117.790
_cell.length_c   122.090
_cell.angle_alpha   90.00
_cell.angle_beta   90.00
_cell.angle_gamma   90.00
#
_symmetry.space_group_name_H-M   'P 21 21 21'
#
loop_
_entity.id
_entity.type
_entity.pdbx_description
1 polymer 'Cytochrome P450 144'
2 non-polymer 'PROTOPORPHYRIN IX CONTAINING FE'
3 water water
#
_entity_poly.entity_id   1
_entity_poly.type   'polypeptide(L)'
_entity_poly.pdbx_seq_one_letter_code
;MTIAKDANTFFGAESVQDPYPLYERMRAAGSVHRIANSDFYAVCGWDAVNEAIGRPEDFSSNLTATMTYTAEGTAKPFEM
DPLGGPTHVLATADDPAHAVHRKLVLRHLAAKRIRVMEQFTVQAADRLWVDGMQDGCIEWMGAMANRLPMMVVAELIGLP
DPDIAQLVKWGYAATQLLEGLVENDQLVAAGVALMELSGYIFEQFDRAAADPRDNLLGELATACASGELDTLTAQVMMVT
LFAAGGESTAALLGSAVWILATRPDIQQQVRANPELLGAFIEETLRYEPPFRGHYRHVRNATTLDGTELPADSHLLLLWG
AANRDPAQFEAPGEFRLDRAGGKGHISFGKGAHFCVGAALARLEARIVLRLLLDRTSVIEAADVGGWLPSILVRRIERLE
LAVQ
;
_entity_poly.pdbx_strand_id   A,B
#
loop_
_chem_comp.id
_chem_comp.type
_chem_comp.name
_chem_comp.formula
HEM non-polymer 'PROTOPORPHYRIN IX CONTAINING FE' 'C34 H32 Fe N4 O4'
#
# COMPACT_ATOMS: atom_id res chain seq x y z
N ASP A 6 2.46 10.22 11.06
CA ASP A 6 1.68 9.76 9.87
C ASP A 6 1.96 8.29 9.51
N ALA A 7 0.96 7.49 9.78
CA ALA A 7 0.85 6.16 9.21
C ALA A 7 0.96 6.16 7.68
N ASN A 8 0.59 7.27 7.08
CA ASN A 8 0.56 7.48 5.67
C ASN A 8 1.58 8.51 5.22
N THR A 9 2.80 8.39 5.71
CA THR A 9 3.78 9.41 5.33
C THR A 9 4.25 9.20 3.86
N PHE A 10 4.57 10.31 3.20
CA PHE A 10 5.05 10.29 1.86
C PHE A 10 6.53 10.17 1.79
N PHE A 11 7.21 10.13 2.92
CA PHE A 11 8.65 9.93 2.90
C PHE A 11 9.01 8.83 3.92
N GLY A 12 10.26 8.43 3.90
CA GLY A 12 10.70 7.23 4.57
C GLY A 12 11.08 6.18 3.55
N ALA A 13 11.81 5.19 4.02
CA ALA A 13 12.37 4.23 3.10
C ALA A 13 11.32 3.48 2.30
N GLU A 14 10.20 3.15 2.95
CA GLU A 14 9.20 2.32 2.29
C GLU A 14 8.52 3.06 1.17
N SER A 15 8.03 4.25 1.47
N SER A 15 8.04 4.26 1.44
CA SER A 15 7.35 5.05 0.45
CA SER A 15 7.35 5.02 0.40
C SER A 15 8.26 5.39 -0.73
C SER A 15 8.27 5.36 -0.75
N VAL A 16 9.56 5.59 -0.46
CA VAL A 16 10.52 5.86 -1.52
C VAL A 16 10.63 4.60 -2.40
N GLN A 17 10.72 3.47 -1.76
CA GLN A 17 10.87 2.20 -2.52
C GLN A 17 9.63 1.88 -3.34
N ASP A 18 8.46 2.01 -2.69
CA ASP A 18 7.21 1.59 -3.32
C ASP A 18 6.02 2.31 -2.71
N PRO A 19 5.59 3.34 -3.43
CA PRO A 19 4.59 4.25 -2.89
C PRO A 19 3.17 3.78 -3.16
N TYR A 20 2.99 2.74 -3.97
CA TYR A 20 1.66 2.42 -4.45
C TYR A 20 0.70 1.97 -3.32
N PRO A 21 1.15 1.18 -2.38
CA PRO A 21 0.23 0.80 -1.27
C PRO A 21 -0.21 2.07 -0.48
N LEU A 22 0.72 2.98 -0.28
CA LEU A 22 0.41 4.29 0.37
C LEU A 22 -0.78 4.97 -0.37
N TYR A 23 -0.70 5.06 -1.69
CA TYR A 23 -1.76 5.70 -2.48
C TYR A 23 -3.13 5.01 -2.24
N GLU A 24 -3.13 3.68 -2.12
CA GLU A 24 -4.38 2.96 -1.93
C GLU A 24 -4.94 3.26 -0.54
N ARG A 25 -4.06 3.41 0.47
CA ARG A 25 -4.52 3.81 1.79
C ARG A 25 -5.11 5.20 1.74
N MET A 26 -4.42 6.13 1.08
CA MET A 26 -5.00 7.49 0.97
C MET A 26 -6.35 7.50 0.29
N ARG A 27 -6.48 6.66 -0.75
CA ARG A 27 -7.73 6.58 -1.47
C ARG A 27 -8.92 6.16 -0.59
N ALA A 28 -8.65 5.39 0.46
CA ALA A 28 -9.70 4.95 1.36
C ALA A 28 -10.32 6.14 2.05
N ALA A 29 -9.56 7.20 2.21
CA ALA A 29 -10.10 8.39 2.90
C ALA A 29 -10.87 9.25 1.89
N GLY A 30 -10.55 9.13 0.59
CA GLY A 30 -11.33 9.75 -0.48
C GLY A 30 -10.40 10.09 -1.62
N SER A 31 -10.98 10.59 -2.72
CA SER A 31 -10.22 10.93 -3.96
C SER A 31 -9.26 12.12 -3.74
N VAL A 32 -9.54 12.91 -2.69
CA VAL A 32 -8.73 14.03 -2.28
C VAL A 32 -8.64 13.89 -0.80
N HIS A 33 -7.45 14.02 -0.24
CA HIS A 33 -7.30 13.86 1.18
C HIS A 33 -6.08 14.56 1.72
N ARG A 34 -6.28 15.32 2.78
CA ARG A 34 -5.24 16.04 3.43
C ARG A 34 -4.09 15.09 3.86
N ILE A 35 -2.88 15.54 3.60
CA ILE A 35 -1.68 14.83 4.05
C ILE A 35 -1.35 15.25 5.50
N ALA A 36 -1.56 14.32 6.40
CA ALA A 36 -1.37 14.57 7.82
C ALA A 36 -2.13 15.82 8.24
N ASN A 37 -1.45 16.74 8.93
CA ASN A 37 -2.14 17.99 9.32
C ASN A 37 -1.53 19.15 8.55
N SER A 38 -0.94 18.83 7.40
CA SER A 38 -0.26 19.79 6.57
C SER A 38 -1.26 20.54 5.74
N ASP A 39 -0.75 21.50 4.96
CA ASP A 39 -1.56 22.25 4.00
C ASP A 39 -1.57 21.62 2.57
N PHE A 40 -1.16 20.35 2.47
CA PHE A 40 -1.11 19.64 1.18
C PHE A 40 -2.16 18.54 1.15
N TYR A 41 -2.79 18.42 -0.01
CA TYR A 41 -3.87 17.49 -0.21
C TYR A 41 -3.50 16.59 -1.40
N ALA A 42 -3.44 15.30 -1.11
CA ALA A 42 -3.14 14.30 -2.14
C ALA A 42 -4.38 14.09 -3.00
N VAL A 43 -4.20 14.12 -4.29
CA VAL A 43 -5.26 13.90 -5.24
C VAL A 43 -4.98 12.54 -5.93
N CYS A 44 -5.70 11.49 -5.50
CA CYS A 44 -5.43 10.16 -6.00
CA CYS A 44 -5.49 10.12 -5.95
C CYS A 44 -6.49 9.65 -6.96
N GLY A 45 -7.65 10.29 -7.05
CA GLY A 45 -8.66 9.86 -7.98
C GLY A 45 -8.47 10.31 -9.39
N TRP A 46 -8.79 9.45 -10.36
CA TRP A 46 -8.72 9.81 -11.78
C TRP A 46 -9.62 10.98 -12.10
N ASP A 47 -10.91 10.92 -11.68
CA ASP A 47 -11.76 12.02 -12.01
C ASP A 47 -11.32 13.32 -11.26
N ALA A 48 -10.85 13.17 -10.01
CA ALA A 48 -10.36 14.31 -9.25
C ALA A 48 -9.15 14.99 -9.85
N VAL A 49 -8.16 14.18 -10.37
CA VAL A 49 -7.02 14.78 -11.05
C VAL A 49 -7.44 15.52 -12.32
N ASN A 50 -8.33 14.90 -13.09
CA ASN A 50 -8.83 15.50 -14.33
C ASN A 50 -9.58 16.80 -14.04
N GLU A 51 -10.34 16.82 -12.94
CA GLU A 51 -11.10 18.01 -12.61
C GLU A 51 -10.12 19.11 -12.22
N ALA A 52 -9.11 18.76 -11.42
CA ALA A 52 -8.18 19.78 -10.98
C ALA A 52 -7.44 20.44 -12.13
N ILE A 53 -6.90 19.61 -13.03
N ILE A 53 -6.91 19.61 -13.04
CA ILE A 53 -6.11 20.14 -14.15
CA ILE A 53 -6.11 20.16 -14.13
C ILE A 53 -6.92 20.99 -15.10
C ILE A 53 -6.92 20.98 -15.10
N GLY A 54 -8.24 20.70 -15.14
CA GLY A 54 -9.17 21.50 -15.92
C GLY A 54 -9.65 22.83 -15.31
N ARG A 55 -9.14 23.11 -14.10
CA ARG A 55 -9.48 24.33 -13.39
C ARG A 55 -8.23 25.12 -13.03
N PRO A 56 -7.52 25.61 -14.06
CA PRO A 56 -6.27 26.36 -13.79
C PRO A 56 -6.51 27.68 -13.05
N GLU A 57 -7.72 28.26 -13.18
CA GLU A 57 -8.04 29.50 -12.52
C GLU A 57 -8.12 29.24 -11.04
N ASP A 58 -8.61 28.06 -10.61
CA ASP A 58 -8.71 27.74 -9.18
C ASP A 58 -7.45 27.11 -8.58
N PHE A 59 -6.75 26.36 -9.43
CA PHE A 59 -5.59 25.59 -9.01
C PHE A 59 -4.44 25.98 -9.90
N SER A 60 -3.67 26.93 -9.41
CA SER A 60 -2.57 27.51 -10.14
C SER A 60 -1.39 26.49 -10.26
N SER A 61 -0.69 26.55 -11.41
CA SER A 61 0.59 25.84 -11.54
C SER A 61 1.79 26.50 -10.92
N ASN A 62 1.64 27.73 -10.40
CA ASN A 62 2.75 28.37 -9.72
C ASN A 62 3.15 27.53 -8.53
N LEU A 63 4.42 27.24 -8.46
CA LEU A 63 5.00 26.40 -7.45
C LEU A 63 5.41 27.26 -6.26
N THR A 64 4.44 27.49 -5.40
CA THR A 64 4.60 28.43 -4.24
C THR A 64 5.21 27.70 -3.02
N ALA A 65 5.07 26.37 -2.98
CA ALA A 65 5.70 25.55 -1.94
C ALA A 65 5.76 24.10 -2.40
N THR A 66 6.79 23.41 -1.94
CA THR A 66 6.81 21.91 -1.99
C THR A 66 6.66 21.38 -0.57
N MET A 67 6.31 20.10 -0.47
CA MET A 67 6.22 19.43 0.79
C MET A 67 7.55 18.80 1.12
N THR A 68 8.08 19.10 2.27
CA THR A 68 9.28 18.43 2.74
C THR A 68 8.98 17.85 4.10
N TYR A 69 9.96 17.15 4.65
CA TYR A 69 9.86 16.49 5.95
C TYR A 69 11.02 16.95 6.83
N THR A 70 10.74 17.29 8.10
CA THR A 70 11.83 17.42 9.10
C THR A 70 12.53 16.08 9.43
N ALA A 71 13.64 16.11 10.19
CA ALA A 71 14.35 14.88 10.66
C ALA A 71 13.50 13.96 11.58
N GLU A 72 12.63 14.66 12.34
CA GLU A 72 11.54 14.09 13.15
C GLU A 72 10.40 13.46 12.30
N GLY A 73 10.46 13.57 10.98
CA GLY A 73 9.43 12.98 10.11
C GLY A 73 8.10 13.74 10.02
N THR A 74 8.09 15.02 10.31
CA THR A 74 6.86 15.81 10.27
C THR A 74 6.86 16.58 8.93
N ALA A 75 5.74 16.49 8.21
CA ALA A 75 5.52 17.21 6.95
C ALA A 75 5.48 18.69 7.20
N LYS A 76 6.13 19.45 6.36
CA LYS A 76 6.06 20.86 6.48
C LYS A 76 6.29 21.51 5.11
N PRO A 77 5.86 22.76 4.94
CA PRO A 77 5.99 23.40 3.64
C PRO A 77 7.40 23.94 3.42
N PHE A 78 7.96 23.74 2.22
CA PHE A 78 9.22 24.38 1.79
C PHE A 78 8.73 25.56 0.90
N GLU A 79 8.63 26.77 1.50
CA GLU A 79 8.06 27.90 0.78
C GLU A 79 8.99 28.50 -0.27
N MET A 80 8.40 28.80 -1.42
CA MET A 80 9.13 29.32 -2.53
C MET A 80 8.51 30.64 -2.99
N ASP A 81 8.47 30.93 -4.28
CA ASP A 81 8.08 32.25 -4.81
C ASP A 81 6.54 32.33 -4.73
N PRO A 82 5.97 33.44 -4.16
CA PRO A 82 4.53 33.50 -4.05
C PRO A 82 3.74 33.47 -5.31
N LEU A 83 2.44 33.25 -5.13
CA LEU A 83 1.49 33.22 -6.22
C LEU A 83 1.57 34.49 -7.07
N GLY A 84 1.64 34.28 -8.38
CA GLY A 84 1.78 35.38 -9.34
C GLY A 84 3.22 35.84 -9.61
N GLY A 85 4.19 35.37 -8.87
CA GLY A 85 5.58 35.81 -9.13
C GLY A 85 6.17 35.60 -10.55
N PRO A 86 7.23 36.34 -10.91
CA PRO A 86 7.85 36.15 -12.25
C PRO A 86 8.80 34.99 -12.33
N THR A 87 9.09 34.35 -11.22
CA THR A 87 9.95 33.15 -11.29
C THR A 87 9.19 31.95 -11.83
N HIS A 88 7.86 32.01 -11.86
CA HIS A 88 7.07 30.92 -12.40
C HIS A 88 7.04 30.97 -13.93
N VAL A 89 7.54 29.92 -14.54
CA VAL A 89 7.78 29.91 -16.01
C VAL A 89 7.33 28.58 -16.57
N LEU A 90 6.86 28.65 -17.82
CA LEU A 90 6.55 27.45 -18.58
C LEU A 90 5.65 26.51 -17.76
N ALA A 91 6.18 25.38 -17.29
CA ALA A 91 5.36 24.39 -16.63
C ALA A 91 4.72 24.86 -15.32
N THR A 92 5.31 25.89 -14.71
CA THR A 92 4.77 26.46 -13.50
C THR A 92 4.12 27.85 -13.70
N ALA A 93 4.02 28.30 -14.94
CA ALA A 93 3.38 29.59 -15.20
C ALA A 93 1.89 29.42 -15.47
N ASP A 94 1.12 30.46 -15.11
CA ASP A 94 -0.25 30.54 -15.53
C ASP A 94 -0.34 31.47 -16.73
N ASP A 95 -1.45 31.35 -17.46
CA ASP A 95 -1.71 32.26 -18.54
C ASP A 95 -1.84 33.67 -18.03
N PRO A 96 -1.50 34.67 -18.89
CA PRO A 96 -1.07 34.58 -20.27
C PRO A 96 0.40 34.21 -20.53
N ALA A 97 1.29 34.36 -19.53
CA ALA A 97 2.73 34.10 -19.81
C ALA A 97 2.90 32.66 -20.21
N HIS A 98 2.17 31.76 -19.57
CA HIS A 98 2.29 30.35 -19.86
C HIS A 98 2.12 30.08 -21.37
N ALA A 99 1.09 30.59 -22.00
CA ALA A 99 0.81 30.28 -23.38
C ALA A 99 1.91 30.77 -24.27
N VAL A 100 2.57 31.87 -23.90
CA VAL A 100 3.70 32.39 -24.70
C VAL A 100 4.87 31.41 -24.63
N HIS A 101 5.20 31.00 -23.39
CA HIS A 101 6.29 30.08 -23.11
C HIS A 101 6.06 28.76 -23.87
N ARG A 102 4.86 28.22 -23.76
CA ARG A 102 4.53 26.94 -24.37
C ARG A 102 4.66 27.05 -25.88
N LYS A 103 4.20 28.13 -26.47
CA LYS A 103 4.31 28.37 -27.95
C LYS A 103 5.77 28.37 -28.42
N LEU A 104 6.65 29.04 -27.68
CA LEU A 104 8.02 29.12 -28.07
C LEU A 104 8.71 27.77 -28.03
N VAL A 105 8.49 27.01 -26.98
CA VAL A 105 9.09 25.68 -26.88
C VAL A 105 8.49 24.71 -27.88
N LEU A 106 7.23 24.76 -28.13
CA LEU A 106 6.60 23.86 -29.13
C LEU A 106 7.22 24.01 -30.55
N ARG A 107 7.73 25.18 -30.87
CA ARG A 107 8.41 25.39 -32.14
C ARG A 107 9.60 24.45 -32.32
N HIS A 108 10.18 24.01 -31.22
CA HIS A 108 11.38 23.15 -31.26
C HIS A 108 11.02 21.70 -31.08
N LEU A 109 9.70 21.43 -31.11
CA LEU A 109 9.11 20.08 -30.93
C LEU A 109 8.11 19.71 -32.00
N ALA A 110 8.07 20.52 -33.06
CA ALA A 110 7.25 20.29 -34.25
C ALA A 110 7.72 19.03 -35.00
N ALA A 111 6.93 18.61 -35.94
CA ALA A 111 7.13 17.34 -36.60
C ALA A 111 8.55 17.24 -37.14
N LYS A 112 8.98 18.28 -37.88
CA LYS A 112 10.34 18.33 -38.50
C LYS A 112 11.44 18.23 -37.48
N ARG A 113 11.22 18.91 -36.34
CA ARG A 113 12.15 18.85 -35.25
C ARG A 113 12.33 17.46 -34.68
N ILE A 114 11.20 16.76 -34.50
CA ILE A 114 11.22 15.39 -33.97
C ILE A 114 11.97 14.44 -34.94
N ARG A 115 11.80 14.65 -36.27
CA ARG A 115 12.54 13.82 -37.26
C ARG A 115 14.04 13.99 -37.11
N VAL A 116 14.49 15.20 -36.88
CA VAL A 116 15.89 15.48 -36.68
C VAL A 116 16.36 14.78 -35.41
N MET A 117 15.54 14.91 -34.33
CA MET A 117 15.83 14.25 -33.06
C MET A 117 15.97 12.70 -33.17
N GLU A 118 15.22 12.10 -34.10
CA GLU A 118 15.24 10.66 -34.28
C GLU A 118 16.63 10.28 -34.72
N GLN A 119 17.14 10.96 -35.74
CA GLN A 119 18.52 10.71 -36.24
C GLN A 119 19.55 10.91 -35.14
N PHE A 120 19.39 11.99 -34.37
CA PHE A 120 20.32 12.28 -33.27
C PHE A 120 20.31 11.17 -32.22
N THR A 121 19.10 10.73 -31.88
CA THR A 121 18.92 9.73 -30.83
C THR A 121 19.46 8.36 -31.25
N VAL A 122 19.19 7.96 -32.49
CA VAL A 122 19.70 6.70 -33.02
C VAL A 122 21.24 6.65 -32.89
N GLN A 123 21.91 7.71 -33.36
CA GLN A 123 23.36 7.74 -33.30
C GLN A 123 23.86 7.79 -31.86
N ALA A 124 23.19 8.54 -30.97
CA ALA A 124 23.70 8.68 -29.62
C ALA A 124 23.52 7.38 -28.83
N ALA A 125 22.39 6.71 -29.05
CA ALA A 125 22.08 5.50 -28.34
C ALA A 125 23.10 4.41 -28.73
N ASP A 126 23.42 4.37 -30.00
CA ASP A 126 24.35 3.35 -30.47
C ASP A 126 25.73 3.54 -29.78
N ARG A 127 26.23 4.80 -29.73
CA ARG A 127 27.53 5.09 -29.13
CA ARG A 127 27.53 5.03 -29.14
C ARG A 127 27.55 4.74 -27.64
N LEU A 128 26.45 5.10 -26.95
CA LEU A 128 26.33 4.76 -25.54
C LEU A 128 26.34 3.25 -25.25
N TRP A 129 25.74 2.49 -26.15
CA TRP A 129 25.64 1.03 -26.00
C TRP A 129 27.04 0.43 -26.18
N VAL A 130 27.69 0.87 -27.26
CA VAL A 130 29.08 0.49 -27.60
C VAL A 130 30.01 0.78 -26.45
N ASP A 131 29.92 1.98 -25.88
CA ASP A 131 30.80 2.32 -24.74
C ASP A 131 30.41 1.58 -23.44
N GLY A 132 29.12 1.37 -23.23
CA GLY A 132 28.66 0.92 -21.92
C GLY A 132 28.53 -0.58 -21.70
N MET A 133 28.42 -1.35 -22.78
CA MET A 133 28.13 -2.77 -22.67
C MET A 133 29.47 -3.50 -22.87
N GLN A 134 30.01 -4.06 -21.81
CA GLN A 134 31.28 -4.80 -21.81
C GLN A 134 31.13 -6.18 -21.18
N ASP A 135 31.54 -7.23 -21.92
CA ASP A 135 31.51 -8.61 -21.41
C ASP A 135 30.12 -9.00 -20.82
N GLY A 136 29.08 -8.70 -21.58
CA GLY A 136 27.69 -9.01 -21.22
C GLY A 136 27.12 -8.27 -20.00
N CYS A 137 27.72 -7.15 -19.65
CA CYS A 137 27.34 -6.37 -18.48
C CYS A 137 27.21 -4.92 -18.85
N ILE A 138 26.13 -4.26 -18.36
CA ILE A 138 26.00 -2.78 -18.50
C ILE A 138 25.28 -2.24 -17.24
N GLU A 139 25.75 -1.12 -16.65
CA GLU A 139 25.00 -0.44 -15.60
C GLU A 139 24.12 0.56 -16.34
N TRP A 140 22.86 0.20 -16.48
CA TRP A 140 21.96 0.81 -17.45
C TRP A 140 21.76 2.31 -17.17
N MET A 141 21.70 2.66 -15.88
CA MET A 141 21.43 4.04 -15.53
C MET A 141 22.58 4.99 -15.91
N GLY A 142 23.75 4.69 -15.38
CA GLY A 142 24.88 5.50 -15.69
C GLY A 142 25.34 5.45 -17.12
N ALA A 143 25.21 4.30 -17.78
CA ALA A 143 25.71 4.22 -19.16
C ALA A 143 24.75 4.77 -20.27
N MET A 144 23.45 4.63 -20.01
CA MET A 144 22.46 4.86 -21.05
C MET A 144 21.31 5.81 -20.59
N ALA A 145 20.53 5.32 -19.65
CA ALA A 145 19.26 5.95 -19.29
C ALA A 145 19.49 7.35 -18.75
N ASN A 146 20.54 7.55 -17.96
CA ASN A 146 20.83 8.85 -17.40
C ASN A 146 21.37 9.82 -18.45
N ARG A 147 22.11 9.31 -19.42
CA ARG A 147 22.85 10.14 -20.36
C ARG A 147 22.04 10.60 -21.58
N LEU A 148 21.38 9.62 -22.23
CA LEU A 148 20.76 9.92 -23.51
C LEU A 148 19.75 11.09 -23.48
N PRO A 149 18.86 11.09 -22.50
CA PRO A 149 17.82 12.12 -22.50
C PRO A 149 18.37 13.52 -22.21
N MET A 150 19.45 13.55 -21.43
CA MET A 150 20.16 14.81 -21.18
C MET A 150 20.81 15.33 -22.43
N MET A 151 21.38 14.42 -23.26
CA MET A 151 21.98 14.82 -24.49
C MET A 151 20.89 15.41 -25.45
N VAL A 152 19.69 14.79 -25.47
CA VAL A 152 18.63 15.28 -26.28
C VAL A 152 18.17 16.70 -25.87
N VAL A 153 18.00 16.93 -24.57
CA VAL A 153 17.62 18.26 -24.14
C VAL A 153 18.68 19.30 -24.52
N ALA A 154 19.96 18.95 -24.32
CA ALA A 154 21.05 19.85 -24.72
C ALA A 154 21.04 20.14 -26.22
N GLU A 155 20.70 19.15 -27.04
CA GLU A 155 20.62 19.36 -28.48
C GLU A 155 19.42 20.25 -28.87
N LEU A 156 18.28 20.05 -28.20
CA LEU A 156 17.08 20.87 -28.47
C LEU A 156 17.39 22.33 -28.13
N ILE A 157 18.08 22.53 -27.00
CA ILE A 157 18.46 23.90 -26.62
C ILE A 157 19.49 24.51 -27.56
N GLY A 158 20.47 23.67 -27.97
CA GLY A 158 21.56 24.08 -28.81
C GLY A 158 22.89 24.27 -28.12
N LEU A 159 23.13 23.52 -27.06
CA LEU A 159 24.41 23.60 -26.36
C LEU A 159 25.48 22.88 -27.21
N PRO A 160 26.68 23.45 -27.34
CA PRO A 160 27.73 22.83 -28.19
C PRO A 160 28.52 21.70 -27.50
N ASP A 161 28.34 20.50 -28.03
CA ASP A 161 29.30 19.41 -27.79
C ASP A 161 29.55 19.27 -26.28
N PRO A 162 28.50 18.88 -25.56
CA PRO A 162 28.45 18.91 -24.09
C PRO A 162 29.33 17.84 -23.42
N ASP A 163 29.89 18.18 -22.26
CA ASP A 163 30.48 17.17 -21.35
C ASP A 163 29.35 16.36 -20.74
N ILE A 164 29.25 15.10 -21.12
CA ILE A 164 28.07 14.31 -20.75
C ILE A 164 28.00 14.04 -19.23
N ALA A 165 29.18 13.83 -18.63
CA ALA A 165 29.27 13.59 -17.19
C ALA A 165 28.67 14.76 -16.47
N GLN A 166 29.06 15.98 -16.91
CA GLN A 166 28.51 17.23 -16.30
C GLN A 166 27.01 17.31 -16.51
N LEU A 167 26.58 17.02 -17.72
CA LEU A 167 25.13 17.12 -18.04
C LEU A 167 24.27 16.29 -17.09
N VAL A 168 24.72 15.10 -16.73
CA VAL A 168 23.90 14.25 -15.90
C VAL A 168 23.76 14.87 -14.50
N LYS A 169 24.86 15.33 -13.95
CA LYS A 169 24.84 16.03 -12.67
C LYS A 169 23.88 17.23 -12.68
N TRP A 170 24.05 18.03 -13.71
CA TRP A 170 23.26 19.26 -13.87
C TRP A 170 21.81 18.93 -14.00
N GLY A 171 21.50 17.89 -14.77
CA GLY A 171 20.15 17.59 -15.07
C GLY A 171 19.38 17.02 -13.92
N TYR A 172 20.05 16.45 -12.92
CA TYR A 172 19.38 15.86 -11.76
CA TYR A 172 19.42 15.86 -11.75
C TYR A 172 19.39 16.80 -10.53
N ALA A 173 19.96 17.99 -10.67
CA ALA A 173 20.16 18.84 -9.55
C ALA A 173 18.89 19.46 -9.03
N ALA A 174 18.06 19.94 -9.96
CA ALA A 174 16.91 20.78 -9.49
C ALA A 174 15.92 20.02 -8.60
N THR A 175 15.58 18.79 -8.97
CA THR A 175 14.67 17.98 -8.16
C THR A 175 15.11 17.83 -6.72
N GLN A 176 16.39 17.54 -6.54
CA GLN A 176 16.95 17.34 -5.24
C GLN A 176 16.88 18.62 -4.42
N LEU A 177 17.21 19.74 -5.02
CA LEU A 177 17.17 21.00 -4.32
C LEU A 177 15.76 21.42 -3.94
N LEU A 178 14.83 21.21 -4.82
CA LEU A 178 13.46 21.67 -4.61
C LEU A 178 12.74 20.92 -3.49
N GLU A 179 13.16 19.70 -3.19
CA GLU A 179 12.46 18.88 -2.20
C GLU A 179 13.14 18.91 -0.84
N GLY A 180 14.47 19.07 -0.83
CA GLY A 180 15.26 19.03 0.37
C GLY A 180 15.13 17.77 1.20
N LEU A 181 14.97 16.63 0.52
CA LEU A 181 14.80 15.29 1.14
C LEU A 181 16.08 14.43 1.21
N VAL A 182 16.95 14.57 0.21
CA VAL A 182 18.20 13.85 0.22
C VAL A 182 19.14 14.45 1.29
N GLU A 183 20.19 13.69 1.61
CA GLU A 183 21.08 14.08 2.68
C GLU A 183 21.81 15.41 2.37
N ASN A 184 22.25 16.10 3.42
CA ASN A 184 22.85 17.43 3.24
C ASN A 184 24.05 17.48 2.28
N ASP A 185 24.89 16.45 2.32
CA ASP A 185 26.05 16.48 1.39
C ASP A 185 25.59 16.44 -0.11
N GLN A 186 24.51 15.70 -0.37
CA GLN A 186 23.89 15.57 -1.72
C GLN A 186 23.21 16.91 -2.09
N LEU A 187 22.59 17.55 -1.08
CA LEU A 187 21.98 18.84 -1.37
C LEU A 187 23.01 19.95 -1.71
N VAL A 188 24.13 19.95 -0.98
CA VAL A 188 25.22 20.90 -1.25
C VAL A 188 25.73 20.66 -2.68
N ALA A 189 25.96 19.39 -3.07
CA ALA A 189 26.47 19.08 -4.41
C ALA A 189 25.42 19.50 -5.45
N ALA A 190 24.12 19.31 -5.15
CA ALA A 190 23.11 19.72 -6.11
C ALA A 190 23.04 21.24 -6.30
N GLY A 191 23.31 21.94 -5.22
CA GLY A 191 23.34 23.40 -5.34
C GLY A 191 24.47 23.93 -6.22
N VAL A 192 25.67 23.33 -6.05
CA VAL A 192 26.80 23.59 -6.92
C VAL A 192 26.42 23.30 -8.38
N ALA A 193 25.81 22.12 -8.57
CA ALA A 193 25.44 21.70 -9.90
C ALA A 193 24.45 22.65 -10.58
N LEU A 194 23.45 23.13 -9.84
CA LEU A 194 22.47 24.03 -10.43
C LEU A 194 23.10 25.43 -10.73
N MET A 195 24.04 25.87 -9.86
CA MET A 195 24.80 27.12 -10.12
C MET A 195 25.56 26.98 -11.44
N GLU A 196 26.22 25.82 -11.62
CA GLU A 196 27.01 25.57 -12.83
C GLU A 196 26.15 25.54 -14.09
N LEU A 197 25.02 24.84 -13.99
CA LEU A 197 24.06 24.76 -15.11
C LEU A 197 23.54 26.13 -15.50
N SER A 198 23.07 26.89 -14.49
CA SER A 198 22.61 28.24 -14.68
C SER A 198 23.66 29.10 -15.38
N GLY A 199 24.86 29.10 -14.85
CA GLY A 199 25.91 29.96 -15.39
C GLY A 199 26.24 29.59 -16.84
N TYR A 200 26.24 28.30 -17.11
CA TYR A 200 26.50 27.82 -18.48
C TYR A 200 25.42 28.29 -19.48
N ILE A 201 24.16 28.11 -19.06
CA ILE A 201 23.05 28.62 -19.88
C ILE A 201 23.17 30.14 -20.11
N PHE A 202 23.52 30.92 -19.04
CA PHE A 202 23.57 32.37 -19.20
C PHE A 202 24.68 32.72 -20.24
N GLU A 203 25.83 32.04 -20.11
CA GLU A 203 26.93 32.21 -21.08
C GLU A 203 26.49 31.92 -22.53
N GLN A 204 25.83 30.76 -22.74
CA GLN A 204 25.33 30.37 -24.06
C GLN A 204 24.23 31.28 -24.59
N PHE A 205 23.39 31.82 -23.72
CA PHE A 205 22.35 32.71 -24.17
C PHE A 205 22.98 34.02 -24.63
N ASP A 206 23.97 34.53 -23.88
CA ASP A 206 24.66 35.78 -24.23
C ASP A 206 25.30 35.63 -25.62
N ARG A 207 25.85 34.46 -25.89
CA ARG A 207 26.39 34.18 -27.23
C ARG A 207 25.37 34.04 -28.34
N ALA A 208 24.24 33.44 -28.04
CA ALA A 208 23.13 33.31 -29.02
C ALA A 208 22.50 34.66 -29.39
N ALA A 209 22.43 35.56 -28.41
CA ALA A 209 21.81 36.84 -28.65
C ALA A 209 22.60 37.59 -29.74
N ALA A 210 23.92 37.35 -29.82
CA ALA A 210 24.78 38.06 -30.75
C ALA A 210 24.69 37.47 -32.14
N ASP A 211 24.28 36.19 -32.20
CA ASP A 211 24.09 35.50 -33.48
C ASP A 211 23.13 34.32 -33.38
N PRO A 212 21.81 34.61 -33.42
CA PRO A 212 20.88 33.53 -33.10
C PRO A 212 20.88 32.44 -34.20
N ARG A 213 20.86 31.19 -33.75
CA ARG A 213 20.87 30.05 -34.62
C ARG A 213 19.53 29.35 -34.49
N ASP A 214 19.34 28.31 -35.29
CA ASP A 214 18.01 27.68 -35.34
C ASP A 214 17.84 26.60 -34.26
N ASN A 215 17.82 27.06 -33.02
CA ASN A 215 17.67 26.18 -31.86
C ASN A 215 16.92 26.99 -30.79
N LEU A 216 16.59 26.36 -29.68
CA LEU A 216 15.76 27.10 -28.70
C LEU A 216 16.48 28.35 -28.12
N LEU A 217 17.78 28.27 -27.93
CA LEU A 217 18.57 29.44 -27.53
C LEU A 217 18.31 30.62 -28.49
N GLY A 218 18.39 30.37 -29.81
CA GLY A 218 18.18 31.41 -30.79
C GLY A 218 16.75 31.87 -30.81
N GLU A 219 15.82 30.93 -30.74
CA GLU A 219 14.38 31.27 -30.71
C GLU A 219 14.11 32.20 -29.55
N LEU A 220 14.66 31.89 -28.39
CA LEU A 220 14.44 32.69 -27.22
C LEU A 220 15.14 34.06 -27.30
N ALA A 221 16.36 34.09 -27.81
CA ALA A 221 17.12 35.35 -27.96
C ALA A 221 16.31 36.35 -28.84
N THR A 222 15.74 35.78 -29.92
CA THR A 222 14.93 36.55 -30.85
C THR A 222 13.62 37.06 -30.22
N ALA A 223 12.96 36.21 -29.45
CA ALA A 223 11.72 36.61 -28.86
C ALA A 223 11.94 37.66 -27.77
N CYS A 224 13.08 37.57 -27.08
CA CYS A 224 13.48 38.63 -26.11
C CYS A 224 13.76 39.92 -26.83
N ALA A 225 14.50 39.87 -27.95
CA ALA A 225 14.80 41.12 -28.71
C ALA A 225 13.51 41.90 -29.16
N SER A 226 12.47 41.09 -29.46
CA SER A 226 11.21 41.72 -29.92
C SER A 226 10.20 42.10 -28.77
N GLY A 227 10.66 41.86 -27.53
CA GLY A 227 9.90 42.21 -26.33
C GLY A 227 8.86 41.20 -25.89
N GLU A 228 8.90 39.97 -26.39
CA GLU A 228 7.82 38.99 -26.07
C GLU A 228 7.97 38.38 -24.68
N LEU A 229 9.22 38.36 -24.22
CA LEU A 229 9.49 37.95 -22.86
C LEU A 229 10.86 38.51 -22.45
N ASP A 230 11.14 38.36 -21.17
CA ASP A 230 12.30 38.91 -20.54
C ASP A 230 13.44 37.89 -20.65
N THR A 231 14.62 38.50 -20.79
N THR A 231 14.68 38.39 -20.78
CA THR A 231 15.85 37.77 -20.90
CA THR A 231 15.82 37.46 -20.96
C THR A 231 16.07 36.70 -19.78
C THR A 231 16.08 36.59 -19.75
N LEU A 232 15.85 37.08 -18.53
CA LEU A 232 16.01 36.17 -17.41
C LEU A 232 14.94 35.01 -17.40
N THR A 233 13.70 35.37 -17.69
CA THR A 233 12.64 34.42 -17.87
C THR A 233 13.05 33.32 -18.90
N ALA A 234 13.58 33.77 -20.04
CA ALA A 234 14.04 32.86 -21.06
C ALA A 234 15.15 31.91 -20.55
N GLN A 235 16.13 32.41 -19.81
CA GLN A 235 17.18 31.61 -19.32
C GLN A 235 16.68 30.57 -18.31
N VAL A 236 15.79 30.98 -17.42
CA VAL A 236 15.24 30.08 -16.46
C VAL A 236 14.45 28.98 -17.16
N MET A 237 13.67 29.35 -18.18
CA MET A 237 12.91 28.36 -18.98
C MET A 237 13.84 27.25 -19.42
N MET A 238 15.02 27.61 -19.93
CA MET A 238 15.90 26.59 -20.45
C MET A 238 16.48 25.66 -19.36
N VAL A 239 16.81 26.25 -18.21
CA VAL A 239 17.25 25.54 -17.03
C VAL A 239 16.27 24.45 -16.63
N THR A 240 14.99 24.78 -16.64
CA THR A 240 13.97 23.86 -16.18
C THR A 240 13.75 22.66 -17.13
N LEU A 241 14.22 22.76 -18.38
CA LEU A 241 13.98 21.69 -19.36
C LEU A 241 14.77 20.42 -19.07
N PHE A 242 15.87 20.56 -18.34
CA PHE A 242 16.61 19.37 -17.93
C PHE A 242 15.84 18.45 -17.00
N ALA A 243 15.31 18.98 -15.88
CA ALA A 243 14.41 18.14 -15.13
C ALA A 243 13.17 17.73 -15.89
N ALA A 244 12.62 18.65 -16.66
CA ALA A 244 11.30 18.40 -17.29
C ALA A 244 11.37 17.29 -18.31
N GLY A 245 12.40 17.37 -19.14
CA GLY A 245 12.53 16.45 -20.30
C GLY A 245 13.65 15.44 -20.22
N GLY A 246 14.68 15.72 -19.43
CA GLY A 246 15.80 14.83 -19.25
C GLY A 246 15.59 13.80 -18.15
N GLU A 247 15.33 14.29 -16.94
CA GLU A 247 15.15 13.43 -15.83
C GLU A 247 13.93 12.46 -15.98
N SER A 248 12.84 13.01 -16.46
CA SER A 248 11.62 12.26 -16.64
C SER A 248 11.81 11.13 -17.63
N THR A 249 12.46 11.41 -18.74
CA THR A 249 12.69 10.36 -19.76
C THR A 249 13.70 9.33 -19.26
N ALA A 250 14.73 9.77 -18.53
CA ALA A 250 15.71 8.88 -17.93
C ALA A 250 14.97 7.87 -17.04
N ALA A 251 14.05 8.40 -16.22
CA ALA A 251 13.26 7.59 -15.32
C ALA A 251 12.47 6.53 -16.08
N LEU A 252 11.85 6.89 -17.19
CA LEU A 252 11.08 5.95 -17.98
C LEU A 252 12.01 4.85 -18.51
N LEU A 253 13.17 5.25 -19.02
CA LEU A 253 14.10 4.27 -19.58
C LEU A 253 14.55 3.34 -18.52
N GLY A 254 14.75 3.81 -17.29
CA GLY A 254 15.13 2.96 -16.23
C GLY A 254 14.03 1.97 -15.81
N SER A 255 12.82 2.50 -15.66
CA SER A 255 11.73 1.67 -15.15
C SER A 255 11.31 0.60 -16.18
N ALA A 256 11.37 0.97 -17.44
CA ALA A 256 10.98 0.08 -18.49
C ALA A 256 11.91 -1.14 -18.48
N VAL A 257 13.20 -0.86 -18.37
CA VAL A 257 14.16 -1.92 -18.33
C VAL A 257 14.16 -2.77 -17.07
N TRP A 258 13.94 -2.10 -15.92
CA TRP A 258 13.80 -2.80 -14.68
C TRP A 258 12.68 -3.85 -14.77
N ILE A 259 11.54 -3.44 -15.33
CA ILE A 259 10.44 -4.36 -15.53
C ILE A 259 10.81 -5.53 -16.50
N LEU A 260 11.40 -5.20 -17.63
CA LEU A 260 11.90 -6.27 -18.54
C LEU A 260 12.77 -7.24 -17.80
N ALA A 261 13.72 -6.71 -17.05
CA ALA A 261 14.76 -7.52 -16.45
C ALA A 261 14.26 -8.37 -15.27
N THR A 262 13.16 -7.96 -14.60
CA THR A 262 12.67 -8.65 -13.47
C THR A 262 11.37 -9.39 -13.68
N ARG A 263 10.78 -9.21 -14.87
CA ARG A 263 9.59 -9.93 -15.27
C ARG A 263 9.85 -10.69 -16.58
N PRO A 264 10.50 -11.88 -16.49
CA PRO A 264 10.81 -12.60 -17.73
C PRO A 264 9.59 -12.90 -18.61
N ASP A 265 8.43 -13.11 -17.99
CA ASP A 265 7.23 -13.39 -18.77
C ASP A 265 6.87 -12.23 -19.71
N ILE A 266 7.02 -10.99 -19.20
CA ILE A 266 6.72 -9.78 -19.94
C ILE A 266 7.80 -9.61 -21.01
N GLN A 267 9.05 -9.77 -20.62
CA GLN A 267 10.13 -9.71 -21.63
C GLN A 267 9.93 -10.75 -22.77
N GLN A 268 9.58 -12.00 -22.46
CA GLN A 268 9.34 -12.97 -23.55
C GLN A 268 8.18 -12.55 -24.44
N GLN A 269 7.07 -12.02 -23.83
CA GLN A 269 5.96 -11.50 -24.67
C GLN A 269 6.34 -10.44 -25.66
N VAL A 270 7.13 -9.48 -25.23
CA VAL A 270 7.56 -8.42 -26.10
C VAL A 270 8.56 -8.95 -27.13
N ARG A 271 9.42 -9.88 -26.75
CA ARG A 271 10.32 -10.46 -27.76
C ARG A 271 9.58 -11.21 -28.85
N ALA A 272 8.63 -12.02 -28.44
CA ALA A 272 7.93 -12.92 -29.33
C ALA A 272 6.97 -12.14 -30.24
N ASN A 273 6.53 -10.97 -29.75
CA ASN A 273 5.60 -10.14 -30.49
C ASN A 273 6.09 -8.69 -30.47
N PRO A 274 7.17 -8.41 -31.21
CA PRO A 274 7.75 -7.07 -31.14
C PRO A 274 6.73 -5.93 -31.37
N GLU A 275 5.59 -6.21 -32.00
CA GLU A 275 4.53 -5.21 -32.14
C GLU A 275 3.93 -4.68 -30.79
N LEU A 276 4.21 -5.38 -29.68
CA LEU A 276 3.79 -5.01 -28.33
C LEU A 276 4.76 -4.07 -27.67
N LEU A 277 5.86 -3.70 -28.28
CA LEU A 277 6.71 -2.71 -27.67
C LEU A 277 5.96 -1.37 -27.37
N GLY A 278 5.19 -0.82 -28.30
CA GLY A 278 4.47 0.45 -27.95
C GLY A 278 3.54 0.27 -26.75
N ALA A 279 2.79 -0.85 -26.67
CA ALA A 279 1.95 -1.15 -25.54
C ALA A 279 2.75 -1.28 -24.27
N PHE A 280 3.94 -1.87 -24.35
CA PHE A 280 4.76 -2.07 -23.19
C PHE A 280 5.25 -0.70 -22.63
N ILE A 281 5.62 0.20 -23.52
CA ILE A 281 6.00 1.57 -23.14
C ILE A 281 4.81 2.29 -22.47
N GLU A 282 3.63 2.21 -23.05
CA GLU A 282 2.44 2.83 -22.46
C GLU A 282 2.09 2.24 -21.11
N GLU A 283 2.20 0.93 -20.96
CA GLU A 283 1.95 0.27 -19.68
C GLU A 283 2.98 0.62 -18.62
N THR A 284 4.25 0.79 -19.02
CA THR A 284 5.23 1.30 -18.12
C THR A 284 4.88 2.74 -17.67
N LEU A 285 4.46 3.57 -18.62
CA LEU A 285 4.04 4.93 -18.26
C LEU A 285 2.86 4.87 -17.25
N ARG A 286 1.91 3.96 -17.47
CA ARG A 286 0.77 3.85 -16.53
C ARG A 286 1.18 3.38 -15.12
N TYR A 287 1.97 2.30 -15.11
CA TYR A 287 2.27 1.55 -13.92
C TYR A 287 3.42 2.11 -13.07
N GLU A 288 4.41 2.72 -13.73
CA GLU A 288 5.55 3.39 -13.03
C GLU A 288 5.83 4.75 -13.61
N PRO A 289 4.85 5.68 -13.46
CA PRO A 289 5.01 7.00 -14.08
C PRO A 289 6.32 7.71 -13.61
N PRO A 290 7.06 8.33 -14.55
CA PRO A 290 8.28 9.03 -14.12
C PRO A 290 8.05 10.13 -13.09
N PHE A 291 6.95 10.83 -13.22
CA PHE A 291 6.56 11.71 -12.13
C PHE A 291 5.55 11.04 -11.23
N ARG A 292 5.87 10.99 -9.93
CA ARG A 292 4.96 10.58 -8.89
C ARG A 292 3.83 11.59 -8.81
N GLY A 293 4.18 12.85 -9.03
CA GLY A 293 3.15 13.91 -8.98
C GLY A 293 3.67 15.28 -9.31
N HIS A 294 2.72 16.21 -9.40
CA HIS A 294 2.96 17.66 -9.59
C HIS A 294 2.04 18.42 -8.64
N TYR A 295 2.57 19.55 -8.20
CA TYR A 295 1.80 20.43 -7.26
C TYR A 295 0.88 21.40 -8.02
N ARG A 296 -0.14 21.82 -7.28
CA ARG A 296 -0.91 23.01 -7.60
C ARG A 296 -1.09 23.89 -6.34
N HIS A 297 -1.24 25.21 -6.55
CA HIS A 297 -1.57 26.11 -5.46
C HIS A 297 -3.09 26.44 -5.51
N VAL A 298 -3.77 26.23 -4.38
CA VAL A 298 -5.20 26.48 -4.27
C VAL A 298 -5.45 27.98 -3.98
N ARG A 299 -5.99 28.67 -4.99
CA ARG A 299 -6.10 30.16 -4.93
C ARG A 299 -7.13 30.61 -3.89
N ASN A 300 -8.32 30.02 -3.96
CA ASN A 300 -9.48 30.35 -3.07
C ASN A 300 -10.05 29.10 -2.47
N ALA A 301 -10.68 29.25 -1.33
CA ALA A 301 -11.43 28.22 -0.71
C ALA A 301 -12.48 27.68 -1.69
N THR A 302 -12.46 26.35 -1.83
CA THR A 302 -13.24 25.71 -2.87
C THR A 302 -13.45 24.26 -2.54
N THR A 303 -13.89 23.50 -3.54
N THR A 303 -13.94 23.49 -3.51
CA THR A 303 -14.14 22.05 -3.40
CA THR A 303 -14.01 22.04 -3.35
C THR A 303 -13.50 21.39 -4.61
C THR A 303 -13.45 21.40 -4.59
N LEU A 304 -13.01 20.16 -4.43
CA LEU A 304 -12.52 19.32 -5.53
C LEU A 304 -13.11 17.93 -5.37
N ASP A 305 -13.93 17.50 -6.35
CA ASP A 305 -14.59 16.18 -6.33
C ASP A 305 -15.23 15.96 -4.98
N GLY A 306 -15.90 16.97 -4.48
CA GLY A 306 -16.63 16.81 -3.24
C GLY A 306 -15.88 17.16 -1.97
N THR A 307 -14.59 17.39 -2.04
CA THR A 307 -13.74 17.59 -0.81
C THR A 307 -13.35 19.07 -0.64
N GLU A 308 -13.53 19.55 0.59
CA GLU A 308 -13.22 20.91 0.88
C GLU A 308 -11.74 21.23 0.88
N LEU A 309 -11.37 22.41 0.34
CA LEU A 309 -9.97 22.87 0.29
C LEU A 309 -9.89 24.36 0.74
N PRO A 310 -9.05 24.66 1.76
CA PRO A 310 -8.88 26.05 2.20
C PRO A 310 -8.10 26.86 1.15
N ALA A 311 -8.28 28.15 1.18
CA ALA A 311 -7.48 29.08 0.45
C ALA A 311 -6.04 28.89 0.85
N ASP A 312 -5.19 28.94 -0.17
CA ASP A 312 -3.71 28.88 -0.04
C ASP A 312 -3.13 27.51 0.42
N SER A 313 -3.96 26.48 0.30
CA SER A 313 -3.50 25.14 0.43
C SER A 313 -2.84 24.74 -0.88
N HIS A 314 -2.44 23.45 -0.94
CA HIS A 314 -1.78 22.98 -2.15
C HIS A 314 -2.31 21.61 -2.47
N LEU A 315 -2.35 21.29 -3.77
CA LEU A 315 -2.62 19.89 -4.22
C LEU A 315 -1.32 19.19 -4.59
N LEU A 316 -1.31 17.90 -4.36
CA LEU A 316 -0.33 17.02 -4.98
C LEU A 316 -1.10 16.08 -5.90
N LEU A 317 -0.91 16.27 -7.20
CA LEU A 317 -1.64 15.50 -8.20
C LEU A 317 -0.86 14.23 -8.43
N LEU A 318 -1.42 13.09 -7.98
CA LEU A 318 -0.66 11.85 -7.92
C LEU A 318 -0.99 11.04 -9.19
N TRP A 319 -0.19 11.24 -10.25
CA TRP A 319 -0.49 10.63 -11.54
C TRP A 319 -0.60 9.09 -11.46
N GLY A 320 0.35 8.49 -10.75
CA GLY A 320 0.37 7.07 -10.50
C GLY A 320 -0.83 6.53 -9.79
N ALA A 321 -1.32 7.29 -8.83
CA ALA A 321 -2.48 6.88 -8.07
C ALA A 321 -3.72 6.98 -8.99
N ALA A 322 -3.81 8.03 -9.80
CA ALA A 322 -4.91 8.20 -10.74
C ALA A 322 -4.95 7.01 -11.76
N ASN A 323 -3.74 6.60 -12.19
CA ASN A 323 -3.56 5.54 -13.19
C ASN A 323 -3.91 4.18 -12.63
N ARG A 324 -4.08 4.05 -11.31
CA ARG A 324 -4.50 2.83 -10.65
C ARG A 324 -5.91 2.92 -10.01
N ASP A 325 -6.69 3.94 -10.37
CA ASP A 325 -8.01 4.14 -9.76
C ASP A 325 -8.91 2.99 -10.21
N PRO A 326 -9.43 2.21 -9.25
CA PRO A 326 -10.25 1.02 -9.65
C PRO A 326 -11.62 1.36 -10.22
N ALA A 327 -12.03 2.61 -10.10
CA ALA A 327 -13.21 3.08 -10.83
C ALA A 327 -12.98 3.21 -12.33
N GLN A 328 -11.72 3.32 -12.75
CA GLN A 328 -11.37 3.57 -14.16
C GLN A 328 -10.65 2.46 -14.87
N PHE A 329 -9.89 1.64 -14.13
CA PHE A 329 -9.06 0.58 -14.72
C PHE A 329 -9.39 -0.77 -14.09
N GLU A 330 -9.61 -1.79 -14.95
CA GLU A 330 -9.69 -3.19 -14.50
C GLU A 330 -8.30 -3.61 -14.09
N ALA A 331 -8.21 -4.38 -13.01
CA ALA A 331 -6.90 -4.97 -12.56
C ALA A 331 -5.82 -3.90 -12.57
N PRO A 332 -6.06 -2.80 -11.84
CA PRO A 332 -5.11 -1.65 -11.82
C PRO A 332 -3.71 -1.91 -11.38
N GLY A 333 -3.54 -2.91 -10.52
CA GLY A 333 -2.26 -3.31 -9.95
C GLY A 333 -1.51 -4.37 -10.77
N GLU A 334 -2.12 -4.82 -11.90
CA GLU A 334 -1.52 -5.86 -12.73
C GLU A 334 -0.86 -5.16 -13.98
N PHE A 335 0.37 -5.59 -14.30
CA PHE A 335 1.05 -5.11 -15.51
C PHE A 335 0.58 -5.91 -16.70
N ARG A 336 -0.21 -5.30 -17.60
CA ARG A 336 -0.82 -6.03 -18.70
C ARG A 336 -0.45 -5.36 -20.03
N LEU A 337 -0.24 -6.19 -21.05
CA LEU A 337 0.04 -5.71 -22.42
C LEU A 337 -1.13 -5.70 -23.39
N ASP A 338 -2.32 -5.94 -22.86
CA ASP A 338 -3.53 -6.01 -23.67
C ASP A 338 -4.58 -4.92 -23.41
N ARG A 339 -4.18 -3.81 -22.80
CA ARG A 339 -5.16 -2.74 -22.49
C ARG A 339 -5.56 -1.90 -23.72
N ALA A 340 -6.84 -1.50 -23.87
CA ALA A 340 -7.33 -0.74 -25.10
C ALA A 340 -8.49 0.29 -24.98
N LYS A 343 -8.91 4.17 -22.36
CA LYS A 343 -8.59 4.97 -21.13
C LYS A 343 -7.14 5.46 -21.05
N GLY A 344 -6.17 4.60 -21.35
CA GLY A 344 -4.80 5.05 -21.34
C GLY A 344 -4.16 5.28 -19.97
N HIS A 345 -3.72 6.51 -19.79
CA HIS A 345 -3.10 6.96 -18.57
C HIS A 345 -3.01 8.48 -18.61
N ILE A 346 -2.62 9.04 -17.45
CA ILE A 346 -2.51 10.48 -17.32
C ILE A 346 -1.09 10.90 -16.95
N SER A 347 -0.12 10.09 -17.38
CA SER A 347 1.26 10.29 -16.97
C SER A 347 1.94 11.50 -17.65
N PHE A 348 1.34 12.03 -18.72
CA PHE A 348 1.80 13.23 -19.42
C PHE A 348 0.91 14.46 -19.10
N GLY A 349 0.05 14.30 -18.10
CA GLY A 349 -0.88 15.40 -17.75
C GLY A 349 -2.00 15.46 -18.77
N LYS A 350 -2.67 16.60 -18.80
CA LYS A 350 -3.83 16.79 -19.63
C LYS A 350 -4.19 18.25 -19.60
N GLY A 351 -4.72 18.75 -20.72
CA GLY A 351 -5.26 20.09 -20.80
C GLY A 351 -4.21 21.12 -21.08
N ALA A 352 -4.26 22.22 -20.35
CA ALA A 352 -3.45 23.40 -20.68
C ALA A 352 -1.96 23.15 -20.64
N HIS A 353 -1.55 22.30 -19.71
CA HIS A 353 -0.09 21.98 -19.51
C HIS A 353 0.32 20.60 -19.98
N PHE A 354 -0.50 19.94 -20.82
CA PHE A 354 -0.23 18.63 -21.32
C PHE A 354 1.23 18.60 -21.86
N CYS A 355 1.99 17.63 -21.45
CA CYS A 355 3.38 17.54 -21.84
C CYS A 355 3.64 17.82 -23.30
N VAL A 356 4.42 18.86 -23.55
CA VAL A 356 4.86 19.12 -24.90
C VAL A 356 5.90 18.13 -25.49
N GLY A 357 6.56 17.42 -24.61
CA GLY A 357 7.61 16.47 -24.98
C GLY A 357 7.13 15.05 -25.14
N ALA A 358 5.83 14.78 -25.06
CA ALA A 358 5.37 13.39 -25.01
C ALA A 358 5.80 12.58 -26.22
N ALA A 359 5.69 13.15 -27.42
CA ALA A 359 6.12 12.44 -28.62
C ALA A 359 7.62 12.17 -28.60
N LEU A 360 8.37 13.11 -28.12
CA LEU A 360 9.81 12.97 -28.02
C LEU A 360 10.18 11.90 -27.05
N ALA A 361 9.55 11.90 -25.87
CA ALA A 361 9.80 10.89 -24.87
C ALA A 361 9.51 9.47 -25.38
N ARG A 362 8.36 9.34 -26.03
CA ARG A 362 7.95 8.06 -26.61
C ARG A 362 8.91 7.58 -27.70
N LEU A 363 9.44 8.52 -28.48
CA LEU A 363 10.44 8.21 -29.51
C LEU A 363 11.73 7.77 -28.86
N GLU A 364 12.22 8.45 -27.83
CA GLU A 364 13.45 8.02 -27.16
C GLU A 364 13.28 6.61 -26.61
N ALA A 365 12.14 6.35 -25.97
CA ALA A 365 11.89 5.00 -25.39
C ALA A 365 11.87 3.94 -26.49
N ARG A 366 11.20 4.26 -27.58
CA ARG A 366 11.11 3.26 -28.70
C ARG A 366 12.50 2.94 -29.26
N ILE A 367 13.28 3.97 -29.54
CA ILE A 367 14.63 3.78 -30.10
C ILE A 367 15.50 2.97 -29.14
N VAL A 368 15.54 3.43 -27.90
CA VAL A 368 16.45 2.78 -26.95
C VAL A 368 16.04 1.34 -26.63
N LEU A 369 14.75 1.12 -26.36
CA LEU A 369 14.29 -0.19 -26.01
C LEU A 369 14.40 -1.16 -27.20
N ARG A 370 14.15 -0.67 -28.41
CA ARG A 370 14.27 -1.54 -29.61
C ARG A 370 15.73 -1.91 -29.81
N LEU A 371 16.65 -0.98 -29.54
CA LEU A 371 18.14 -1.29 -29.61
C LEU A 371 18.49 -2.40 -28.62
N LEU A 372 18.07 -2.22 -27.37
CA LEU A 372 18.34 -3.19 -26.31
C LEU A 372 17.82 -4.60 -26.64
N LEU A 373 16.57 -4.66 -27.10
CA LEU A 373 15.92 -5.92 -27.43
C LEU A 373 16.54 -6.52 -28.69
N ASP A 374 16.81 -5.68 -29.67
CA ASP A 374 17.34 -6.19 -30.99
C ASP A 374 18.74 -6.77 -30.82
N ARG A 375 19.56 -6.23 -29.94
CA ARG A 375 20.92 -6.60 -29.79
C ARG A 375 21.18 -7.72 -28.77
N THR A 376 20.15 -8.21 -28.09
CA THR A 376 20.26 -9.21 -27.03
C THR A 376 19.26 -10.33 -27.29
N SER A 377 19.45 -11.45 -26.59
N SER A 377 19.47 -11.46 -26.61
CA SER A 377 18.47 -12.53 -26.59
CA SER A 377 18.50 -12.54 -26.59
C SER A 377 17.81 -12.63 -25.18
C SER A 377 17.83 -12.66 -25.19
N VAL A 378 18.56 -12.30 -24.12
CA VAL A 378 18.01 -12.34 -22.74
C VAL A 378 18.67 -11.20 -21.99
N ILE A 379 17.85 -10.55 -21.18
CA ILE A 379 18.28 -9.55 -20.23
C ILE A 379 17.81 -9.94 -18.84
N GLU A 380 18.73 -9.89 -17.89
CA GLU A 380 18.41 -10.18 -16.48
C GLU A 380 19.01 -9.10 -15.61
N ALA A 381 18.38 -8.82 -14.47
CA ALA A 381 18.97 -7.88 -13.49
C ALA A 381 20.01 -8.55 -12.65
N ALA A 382 21.22 -8.03 -12.66
CA ALA A 382 22.29 -8.57 -11.81
C ALA A 382 22.28 -7.86 -10.43
N ASP A 383 21.91 -6.58 -10.39
CA ASP A 383 21.82 -5.87 -9.12
C ASP A 383 20.98 -4.64 -9.38
N VAL A 384 20.02 -4.44 -8.50
CA VAL A 384 19.05 -3.38 -8.65
C VAL A 384 19.29 -2.47 -7.46
N GLY A 385 19.54 -1.17 -7.72
CA GLY A 385 19.74 -0.21 -6.65
C GLY A 385 18.39 0.31 -6.11
N GLY A 386 18.44 1.32 -5.28
CA GLY A 386 17.28 1.96 -4.80
C GLY A 386 16.76 3.07 -5.67
N TRP A 387 15.61 3.62 -5.24
CA TRP A 387 14.97 4.69 -5.93
C TRP A 387 15.40 6.05 -5.32
N LEU A 388 15.40 7.08 -6.18
CA LEU A 388 15.71 8.44 -5.73
C LEU A 388 14.78 8.78 -4.57
N PRO A 389 15.32 9.24 -3.44
CA PRO A 389 14.40 9.75 -2.37
C PRO A 389 13.66 11.05 -2.78
N SER A 390 12.38 10.91 -3.13
CA SER A 390 11.59 11.97 -3.70
C SER A 390 10.12 11.73 -3.50
N ILE A 391 9.38 12.81 -3.44
CA ILE A 391 7.92 12.78 -3.42
C ILE A 391 7.36 13.03 -4.87
N LEU A 392 8.17 13.62 -5.77
CA LEU A 392 7.76 14.05 -7.09
C LEU A 392 8.21 13.14 -8.23
N VAL A 393 9.38 12.50 -8.06
CA VAL A 393 10.03 11.81 -9.18
C VAL A 393 10.21 10.34 -8.80
N ARG A 394 9.98 9.48 -9.80
CA ARG A 394 10.06 8.02 -9.62
C ARG A 394 11.20 7.49 -10.55
N ARG A 395 12.41 7.49 -10.02
CA ARG A 395 13.64 7.19 -10.80
C ARG A 395 14.52 6.19 -10.08
N ILE A 396 14.89 5.10 -10.73
N ILE A 396 14.91 5.09 -10.74
CA ILE A 396 15.81 4.16 -10.15
CA ILE A 396 15.85 4.11 -10.21
C ILE A 396 17.25 4.68 -10.28
C ILE A 396 17.28 4.66 -10.31
N GLU A 397 18.06 4.50 -9.24
CA GLU A 397 19.44 5.09 -9.21
C GLU A 397 20.51 4.22 -9.89
N ARG A 398 20.32 2.89 -9.87
CA ARG A 398 21.34 1.95 -10.40
C ARG A 398 20.65 0.65 -10.83
N LEU A 399 21.05 0.12 -11.99
CA LEU A 399 20.46 -1.11 -12.50
C LEU A 399 21.50 -1.83 -13.36
N GLU A 400 22.17 -2.78 -12.73
CA GLU A 400 23.20 -3.58 -13.39
C GLU A 400 22.50 -4.74 -14.10
N LEU A 401 22.69 -4.78 -15.43
CA LEU A 401 22.16 -5.87 -16.23
C LEU A 401 23.25 -6.84 -16.66
N ALA A 402 22.80 -8.10 -16.77
CA ALA A 402 23.55 -9.19 -17.39
C ALA A 402 22.78 -9.53 -18.64
N VAL A 403 23.46 -9.50 -19.76
CA VAL A 403 22.80 -9.79 -21.03
C VAL A 403 23.49 -10.95 -21.73
N GLN A 404 22.73 -11.63 -22.59
CA GLN A 404 23.26 -12.69 -23.54
C GLN A 404 22.62 -12.52 -24.89
N THR B 9 -14.36 10.06 13.47
CA THR B 9 -15.30 8.92 13.65
C THR B 9 -14.54 7.56 13.57
N PHE B 10 -15.00 6.71 14.45
CA PHE B 10 -14.46 5.43 14.69
C PHE B 10 -15.08 4.37 13.73
N PHE B 11 -16.31 4.64 13.30
CA PHE B 11 -17.15 3.67 12.60
C PHE B 11 -17.32 4.06 11.14
N GLY B 12 -16.84 5.24 10.81
CA GLY B 12 -16.95 5.78 9.45
C GLY B 12 -16.29 4.78 8.54
N ALA B 13 -16.82 4.70 7.32
CA ALA B 13 -16.32 3.73 6.38
C ALA B 13 -14.84 4.00 6.17
N GLU B 14 -14.43 5.26 6.23
CA GLU B 14 -13.04 5.58 5.90
C GLU B 14 -12.02 5.01 6.90
N SER B 15 -12.33 5.22 8.17
CA SER B 15 -11.55 4.77 9.26
C SER B 15 -11.54 3.23 9.37
N VAL B 16 -12.69 2.65 9.03
CA VAL B 16 -12.77 1.21 9.08
C VAL B 16 -11.90 0.55 7.97
N GLN B 17 -11.84 1.13 6.78
CA GLN B 17 -10.96 0.65 5.74
C GLN B 17 -9.48 0.89 6.03
N ASP B 18 -9.13 2.01 6.63
CA ASP B 18 -7.77 2.37 6.96
C ASP B 18 -7.71 2.98 8.35
N PRO B 19 -7.53 2.17 9.39
CA PRO B 19 -7.72 2.67 10.79
C PRO B 19 -6.46 3.31 11.36
N TYR B 20 -5.35 3.11 10.66
CA TYR B 20 -4.05 3.38 11.26
C TYR B 20 -3.84 4.89 11.52
N PRO B 21 -4.32 5.76 10.63
CA PRO B 21 -4.31 7.24 10.99
C PRO B 21 -5.09 7.62 12.23
N LEU B 22 -6.27 7.04 12.40
CA LEU B 22 -7.03 7.19 13.63
C LEU B 22 -6.19 6.77 14.85
N TYR B 23 -5.55 5.58 14.81
CA TYR B 23 -4.79 5.13 15.94
C TYR B 23 -3.69 6.16 16.33
N GLU B 24 -3.02 6.71 15.31
CA GLU B 24 -1.93 7.65 15.53
C GLU B 24 -2.45 8.99 16.13
N ARG B 25 -3.64 9.40 15.69
CA ARG B 25 -4.23 10.61 16.22
C ARG B 25 -4.46 10.44 17.70
N MET B 26 -5.08 9.33 18.06
CA MET B 26 -5.29 8.99 19.46
C MET B 26 -3.98 8.97 20.27
N ARG B 27 -3.00 8.27 19.68
CA ARG B 27 -1.82 8.01 20.48
C ARG B 27 -1.04 9.31 20.82
N ALA B 28 -1.15 10.32 19.98
CA ALA B 28 -0.47 11.61 20.17
C ALA B 28 -1.03 12.26 21.42
N ALA B 29 -2.30 11.95 21.74
CA ALA B 29 -3.00 12.49 22.89
C ALA B 29 -2.92 11.67 24.19
N GLY B 30 -2.42 10.44 24.15
CA GLY B 30 -2.43 9.55 25.34
C GLY B 30 -2.80 8.14 24.90
N SER B 31 -2.80 7.14 25.79
CA SER B 31 -3.12 5.80 25.38
C SER B 31 -4.54 5.35 25.61
N VAL B 32 -5.33 6.08 26.39
CA VAL B 32 -6.68 5.63 26.70
C VAL B 32 -7.66 6.74 26.30
N HIS B 33 -8.65 6.41 25.46
CA HIS B 33 -9.54 7.44 24.86
C HIS B 33 -10.99 7.05 24.89
N ARG B 34 -11.84 7.86 25.51
CA ARG B 34 -13.26 7.62 25.47
C ARG B 34 -13.76 7.77 24.06
N ILE B 35 -14.52 6.79 23.60
CA ILE B 35 -14.99 6.80 22.24
C ILE B 35 -16.38 7.38 22.13
N ALA B 36 -16.51 8.47 21.38
CA ALA B 36 -17.76 9.09 20.99
C ALA B 36 -18.68 9.28 22.20
N ASN B 37 -18.13 9.76 23.30
CA ASN B 37 -18.97 10.00 24.49
C ASN B 37 -19.76 8.79 25.04
N SER B 38 -19.22 7.63 24.80
CA SER B 38 -19.85 6.36 25.15
C SER B 38 -19.27 5.80 26.47
N ASP B 39 -19.68 4.57 26.80
CA ASP B 39 -19.14 3.83 27.93
C ASP B 39 -17.84 3.03 27.53
N PHE B 40 -17.33 3.24 26.31
CA PHE B 40 -16.21 2.42 25.76
C PHE B 40 -14.98 3.32 25.61
N TYR B 41 -13.86 2.83 26.08
CA TYR B 41 -12.59 3.53 26.08
C TYR B 41 -11.60 2.64 25.24
N ALA B 42 -11.09 3.23 24.19
CA ALA B 42 -10.06 2.63 23.36
C ALA B 42 -8.71 2.68 24.01
N VAL B 43 -7.97 1.56 23.97
CA VAL B 43 -6.64 1.52 24.58
C VAL B 43 -5.66 1.28 23.37
N CYS B 44 -4.82 2.27 23.08
CA CYS B 44 -4.05 2.30 21.85
C CYS B 44 -2.49 2.18 22.03
N GLY B 45 -1.98 2.18 23.25
CA GLY B 45 -0.57 2.05 23.49
C GLY B 45 -0.13 0.70 23.92
N TRP B 46 1.11 0.34 23.51
CA TRP B 46 1.66 -0.96 23.85
C TRP B 46 1.67 -1.19 25.39
N ASP B 47 2.27 -0.23 26.15
CA ASP B 47 2.36 -0.46 27.55
C ASP B 47 0.93 -0.51 28.24
N ALA B 48 0.00 0.34 27.80
CA ALA B 48 -1.36 0.35 28.37
C ALA B 48 -2.13 -0.94 28.10
N VAL B 49 -2.00 -1.50 26.88
CA VAL B 49 -2.65 -2.78 26.59
C VAL B 49 -2.07 -3.90 27.43
N ASN B 50 -0.73 -3.97 27.53
CA ASN B 50 -0.07 -4.95 28.38
C ASN B 50 -0.50 -4.81 29.83
N GLU B 51 -0.60 -3.56 30.30
CA GLU B 51 -1.02 -3.35 31.66
C GLU B 51 -2.45 -3.89 31.87
N ALA B 52 -3.35 -3.52 30.97
CA ALA B 52 -4.72 -3.95 31.09
C ALA B 52 -4.94 -5.42 31.12
N ILE B 53 -4.21 -6.13 30.25
N ILE B 53 -4.22 -6.13 30.25
CA ILE B 53 -4.42 -7.55 30.16
CA ILE B 53 -4.45 -7.54 30.17
C ILE B 53 -3.90 -8.25 31.41
C ILE B 53 -3.87 -8.25 31.40
N GLY B 54 -2.93 -7.63 32.12
CA GLY B 54 -2.47 -8.19 33.42
C GLY B 54 -3.24 -7.81 34.68
N ARG B 55 -4.38 -7.17 34.46
CA ARG B 55 -5.22 -6.70 35.53
C ARG B 55 -6.66 -7.24 35.41
N PRO B 56 -6.82 -8.53 35.54
CA PRO B 56 -8.17 -9.10 35.29
C PRO B 56 -9.15 -8.80 36.44
N GLU B 57 -8.63 -8.53 37.62
CA GLU B 57 -9.46 -8.13 38.75
C GLU B 57 -10.18 -6.82 38.47
N ASP B 58 -9.54 -5.91 37.74
CA ASP B 58 -10.21 -4.69 37.32
C ASP B 58 -10.87 -4.79 35.96
N PHE B 59 -10.30 -5.59 35.03
CA PHE B 59 -10.76 -5.59 33.66
C PHE B 59 -11.13 -7.02 33.27
N SER B 60 -12.41 -7.34 33.46
CA SER B 60 -12.91 -8.68 33.26
C SER B 60 -13.01 -8.98 31.75
N SER B 61 -12.78 -10.26 31.43
CA SER B 61 -12.97 -10.70 30.06
C SER B 61 -14.43 -11.03 29.67
N ASN B 62 -15.35 -10.99 30.65
CA ASN B 62 -16.77 -11.21 30.40
C ASN B 62 -17.23 -10.18 29.39
N LEU B 63 -17.84 -10.65 28.28
CA LEU B 63 -18.28 -9.81 27.19
C LEU B 63 -19.72 -9.40 27.54
N THR B 64 -19.83 -8.31 28.32
CA THR B 64 -21.12 -7.84 28.74
C THR B 64 -21.83 -6.91 27.78
N ALA B 65 -21.06 -6.29 26.91
CA ALA B 65 -21.55 -5.43 25.87
C ALA B 65 -20.54 -5.23 24.76
N THR B 66 -21.07 -4.99 23.57
CA THR B 66 -20.26 -4.44 22.46
C THR B 66 -20.74 -3.03 22.14
N MET B 67 -19.91 -2.33 21.39
CA MET B 67 -20.21 -1.00 20.92
C MET B 67 -20.71 -1.07 19.50
N THR B 68 -21.91 -0.56 19.28
CA THR B 68 -22.43 -0.51 17.91
C THR B 68 -22.74 0.96 17.54
N TYR B 69 -23.12 1.13 16.27
CA TYR B 69 -23.24 2.41 15.62
C TYR B 69 -24.69 2.50 15.18
N THR B 70 -25.38 3.49 15.71
CA THR B 70 -26.79 3.71 15.36
C THR B 70 -26.99 4.40 14.01
N ALA B 71 -28.22 4.26 13.52
CA ALA B 71 -28.70 5.03 12.38
C ALA B 71 -28.46 6.53 12.55
N GLU B 72 -28.63 7.03 13.78
CA GLU B 72 -28.37 8.44 14.11
C GLU B 72 -26.93 8.87 13.99
N GLY B 73 -26.00 7.91 13.93
CA GLY B 73 -24.58 8.24 13.83
C GLY B 73 -23.94 8.32 15.19
N THR B 74 -24.53 7.60 16.15
CA THR B 74 -24.06 7.66 17.52
C THR B 74 -23.56 6.26 17.96
N ALA B 75 -22.67 6.20 18.94
CA ALA B 75 -22.23 4.96 19.49
C ALA B 75 -23.08 4.55 20.68
N LYS B 76 -23.52 3.28 20.71
CA LYS B 76 -24.33 2.80 21.82
C LYS B 76 -23.92 1.38 22.19
N PRO B 77 -24.11 1.01 23.46
CA PRO B 77 -23.89 -0.35 23.89
C PRO B 77 -24.95 -1.33 23.42
N PHE B 78 -24.47 -2.47 22.91
CA PHE B 78 -25.28 -3.66 22.59
C PHE B 78 -25.09 -4.58 23.82
N GLU B 79 -26.04 -4.55 24.74
CA GLU B 79 -25.96 -5.30 25.99
C GLU B 79 -26.23 -6.81 25.84
N MET B 80 -25.34 -7.58 26.45
CA MET B 80 -25.38 -8.99 26.43
C MET B 80 -25.36 -9.51 27.89
N ASP B 81 -24.77 -10.66 28.13
CA ASP B 81 -24.84 -11.36 29.43
C ASP B 81 -24.09 -10.57 30.49
N PRO B 82 -24.74 -10.20 31.60
CA PRO B 82 -24.02 -9.42 32.62
C PRO B 82 -22.80 -10.14 33.19
N LEU B 83 -22.03 -9.34 33.87
CA LEU B 83 -20.85 -9.76 34.57
C LEU B 83 -21.17 -11.00 35.42
N GLY B 84 -20.34 -12.02 35.26
CA GLY B 84 -20.50 -13.30 35.99
C GLY B 84 -21.56 -14.28 35.47
N GLY B 85 -22.22 -13.91 34.40
CA GLY B 85 -23.27 -14.79 33.77
C GLY B 85 -22.74 -16.09 33.17
N PRO B 86 -23.67 -17.00 32.86
CA PRO B 86 -23.27 -18.34 32.46
C PRO B 86 -22.84 -18.48 31.04
N THR B 87 -22.96 -17.47 30.20
CA THR B 87 -22.51 -17.61 28.81
C THR B 87 -21.03 -17.24 28.63
N HIS B 88 -20.37 -16.71 29.69
CA HIS B 88 -18.96 -16.33 29.58
C HIS B 88 -18.07 -17.55 29.77
N VAL B 89 -17.32 -17.91 28.72
N VAL B 89 -17.30 -17.88 28.72
CA VAL B 89 -16.59 -19.17 28.73
CA VAL B 89 -16.59 -19.16 28.69
C VAL B 89 -15.27 -18.93 27.99
C VAL B 89 -15.25 -18.93 27.98
N LEU B 90 -14.21 -19.59 28.45
CA LEU B 90 -12.89 -19.67 27.78
C LEU B 90 -12.36 -18.23 27.57
N ALA B 91 -12.36 -17.70 26.38
CA ALA B 91 -11.81 -16.38 26.10
C ALA B 91 -12.54 -15.25 26.81
N THR B 92 -13.78 -15.49 27.22
CA THR B 92 -14.56 -14.50 27.90
C THR B 92 -14.83 -14.84 29.33
N ALA B 93 -14.26 -15.89 29.84
CA ALA B 93 -14.38 -16.28 31.26
C ALA B 93 -13.29 -15.65 32.11
N ASP B 94 -13.59 -15.41 33.39
CA ASP B 94 -12.52 -15.12 34.33
C ASP B 94 -12.14 -16.35 35.18
N ASP B 95 -11.00 -16.29 35.81
CA ASP B 95 -10.58 -17.37 36.66
C ASP B 95 -11.46 -17.34 37.91
N PRO B 96 -11.65 -18.49 38.58
CA PRO B 96 -10.99 -19.79 38.29
C PRO B 96 -11.62 -20.60 37.11
N ALA B 97 -12.85 -20.29 36.67
CA ALA B 97 -13.52 -21.15 35.65
C ALA B 97 -12.73 -21.12 34.40
N HIS B 98 -12.21 -19.93 34.07
CA HIS B 98 -11.42 -19.80 32.83
C HIS B 98 -10.35 -20.88 32.76
N ALA B 99 -9.65 -21.11 33.87
CA ALA B 99 -8.48 -22.10 33.87
C ALA B 99 -8.91 -23.52 33.53
N VAL B 100 -10.12 -23.92 33.95
CA VAL B 100 -10.72 -25.22 33.56
C VAL B 100 -10.93 -25.27 32.06
N HIS B 101 -11.58 -24.26 31.54
CA HIS B 101 -11.94 -24.21 30.12
C HIS B 101 -10.64 -24.30 29.28
N ARG B 102 -9.61 -23.52 29.68
CA ARG B 102 -8.37 -23.45 28.95
C ARG B 102 -7.65 -24.81 28.98
N LYS B 103 -7.60 -25.44 30.14
CA LYS B 103 -7.02 -26.76 30.28
C LYS B 103 -7.71 -27.73 29.34
N LEU B 104 -9.07 -27.69 29.29
CA LEU B 104 -9.78 -28.63 28.42
C LEU B 104 -9.40 -28.47 26.92
N VAL B 105 -9.29 -27.24 26.44
N VAL B 105 -9.29 -27.25 26.42
CA VAL B 105 -9.07 -26.99 25.04
CA VAL B 105 -9.06 -27.03 25.02
C VAL B 105 -7.61 -27.28 24.70
C VAL B 105 -7.60 -27.32 24.70
N LEU B 106 -6.72 -27.08 25.66
CA LEU B 106 -5.33 -27.36 25.45
C LEU B 106 -5.06 -28.84 25.15
N ARG B 107 -5.97 -29.72 25.54
CA ARG B 107 -5.88 -31.16 25.25
C ARG B 107 -6.06 -31.44 23.74
N HIS B 108 -6.55 -30.47 23.00
CA HIS B 108 -6.80 -30.66 21.55
C HIS B 108 -5.93 -29.75 20.70
N LEU B 109 -4.89 -29.21 21.39
CA LEU B 109 -3.83 -28.49 20.77
C LEU B 109 -2.48 -29.03 21.19
N ALA B 110 -2.48 -30.27 21.74
CA ALA B 110 -1.30 -31.00 22.16
C ALA B 110 -0.63 -31.70 20.94
N ALA B 111 0.52 -32.30 21.13
CA ALA B 111 1.42 -32.58 20.00
C ALA B 111 0.88 -33.61 19.02
N LYS B 112 0.33 -34.68 19.54
CA LYS B 112 -0.15 -35.73 18.65
C LYS B 112 -1.27 -35.18 17.80
N ARG B 113 -2.17 -34.45 18.44
CA ARG B 113 -3.28 -33.86 17.68
C ARG B 113 -2.81 -32.79 16.70
N ILE B 114 -1.84 -31.94 17.12
CA ILE B 114 -1.34 -30.97 16.17
C ILE B 114 -0.71 -31.65 14.94
N ARG B 115 0.02 -32.79 15.13
CA ARG B 115 0.67 -33.50 14.04
C ARG B 115 -0.43 -33.95 13.10
N VAL B 116 -1.52 -34.50 13.64
CA VAL B 116 -2.63 -34.93 12.76
C VAL B 116 -3.24 -33.75 11.99
N MET B 117 -3.45 -32.62 12.68
N MET B 117 -3.48 -32.61 12.65
CA MET B 117 -3.98 -31.42 12.02
CA MET B 117 -4.04 -31.44 11.95
C MET B 117 -3.06 -30.87 10.95
C MET B 117 -3.06 -30.92 10.89
N GLU B 118 -1.77 -30.97 11.18
CA GLU B 118 -0.82 -30.54 10.20
C GLU B 118 -0.94 -31.37 8.90
N GLN B 119 -1.02 -32.68 9.01
CA GLN B 119 -1.17 -33.55 7.82
C GLN B 119 -2.50 -33.23 7.11
N PHE B 120 -3.55 -33.06 7.90
CA PHE B 120 -4.85 -32.65 7.36
C PHE B 120 -4.75 -31.31 6.57
N THR B 121 -3.98 -30.37 7.10
CA THR B 121 -3.88 -29.09 6.47
C THR B 121 -3.11 -29.15 5.16
N VAL B 122 -2.03 -29.94 5.14
CA VAL B 122 -1.28 -30.12 3.92
C VAL B 122 -2.18 -30.64 2.78
N GLN B 123 -2.94 -31.70 3.06
CA GLN B 123 -3.84 -32.34 2.12
C GLN B 123 -4.93 -31.39 1.65
N ALA B 124 -5.52 -30.69 2.60
CA ALA B 124 -6.62 -29.78 2.29
C ALA B 124 -6.18 -28.60 1.48
N ALA B 125 -5.02 -28.05 1.81
CA ALA B 125 -4.54 -26.90 1.06
C ALA B 125 -4.26 -27.32 -0.42
N ASP B 126 -3.65 -28.51 -0.63
CA ASP B 126 -3.38 -28.94 -2.01
C ASP B 126 -4.72 -29.04 -2.81
N ARG B 127 -5.76 -29.61 -2.18
CA ARG B 127 -7.09 -29.84 -2.80
CA ARG B 127 -7.02 -29.81 -2.88
C ARG B 127 -7.69 -28.46 -3.20
N LEU B 128 -7.64 -27.53 -2.24
CA LEU B 128 -8.25 -26.23 -2.46
C LEU B 128 -7.55 -25.43 -3.56
N TRP B 129 -6.23 -25.60 -3.65
CA TRP B 129 -5.48 -24.95 -4.70
C TRP B 129 -5.84 -25.51 -6.07
N VAL B 130 -5.87 -26.85 -6.16
CA VAL B 130 -6.20 -27.52 -7.40
C VAL B 130 -7.60 -27.13 -7.86
N ASP B 131 -8.57 -27.05 -6.91
CA ASP B 131 -9.96 -26.74 -7.30
C ASP B 131 -10.10 -25.24 -7.63
N GLY B 132 -9.36 -24.35 -6.95
CA GLY B 132 -9.67 -22.95 -7.02
C GLY B 132 -8.87 -22.14 -8.01
N MET B 133 -7.73 -22.65 -8.47
CA MET B 133 -6.89 -21.91 -9.41
C MET B 133 -7.13 -22.45 -10.80
N GLN B 134 -7.74 -21.64 -11.66
CA GLN B 134 -8.06 -22.03 -13.03
C GLN B 134 -7.57 -20.96 -13.93
N ASP B 135 -6.82 -21.31 -15.00
CA ASP B 135 -6.49 -20.33 -16.05
C ASP B 135 -5.79 -19.10 -15.44
N GLY B 136 -4.90 -19.32 -14.48
CA GLY B 136 -4.07 -18.24 -13.96
C GLY B 136 -4.77 -17.30 -12.97
N CYS B 137 -5.96 -17.70 -12.54
N CYS B 137 -5.99 -17.66 -12.59
CA CYS B 137 -6.85 -16.92 -11.71
CA CYS B 137 -6.74 -16.89 -11.63
C CYS B 137 -7.35 -17.67 -10.46
C CYS B 137 -7.30 -17.68 -10.44
N ILE B 138 -7.28 -17.06 -9.27
CA ILE B 138 -7.89 -17.61 -8.13
C ILE B 138 -8.47 -16.46 -7.29
N GLU B 139 -9.67 -16.64 -6.78
CA GLU B 139 -10.23 -15.71 -5.82
C GLU B 139 -9.88 -16.27 -4.45
N TRP B 140 -8.80 -15.71 -3.91
CA TRP B 140 -8.10 -16.30 -2.79
C TRP B 140 -8.95 -16.48 -1.55
N MET B 141 -9.84 -15.50 -1.26
CA MET B 141 -10.59 -15.61 -0.05
C MET B 141 -11.61 -16.76 -0.17
N GLY B 142 -12.47 -16.71 -1.19
CA GLY B 142 -13.44 -17.75 -1.36
C GLY B 142 -12.88 -19.13 -1.53
N ALA B 143 -11.77 -19.21 -2.27
CA ALA B 143 -11.19 -20.50 -2.64
C ALA B 143 -10.30 -21.16 -1.59
N MET B 144 -9.64 -20.32 -0.77
CA MET B 144 -8.61 -20.78 0.11
C MET B 144 -8.70 -20.26 1.52
N ALA B 145 -8.46 -18.94 1.67
CA ALA B 145 -8.27 -18.36 2.97
C ALA B 145 -9.56 -18.52 3.82
N ASN B 146 -10.73 -18.37 3.22
CA ASN B 146 -11.96 -18.49 4.05
C ASN B 146 -12.29 -19.94 4.42
N ARG B 147 -11.84 -20.91 3.61
CA ARG B 147 -12.24 -22.29 3.71
C ARG B 147 -11.32 -23.06 4.64
N LEU B 148 -10.01 -23.05 4.33
CA LEU B 148 -9.09 -23.92 5.05
C LEU B 148 -9.20 -23.81 6.60
N PRO B 149 -9.19 -22.57 7.15
CA PRO B 149 -9.17 -22.55 8.63
C PRO B 149 -10.44 -23.01 9.33
N MET B 150 -11.54 -22.90 8.61
CA MET B 150 -12.83 -23.44 9.09
C MET B 150 -12.83 -24.96 9.06
N MET B 151 -12.21 -25.56 8.02
CA MET B 151 -12.05 -26.98 7.95
C MET B 151 -11.21 -27.48 9.11
N VAL B 152 -10.11 -26.75 9.39
CA VAL B 152 -9.29 -27.11 10.51
C VAL B 152 -10.04 -27.10 11.87
N VAL B 153 -10.79 -25.99 12.10
CA VAL B 153 -11.55 -25.93 13.35
C VAL B 153 -12.54 -27.09 13.44
N ALA B 154 -13.20 -27.40 12.31
CA ALA B 154 -14.12 -28.50 12.30
C ALA B 154 -13.45 -29.85 12.66
N GLU B 155 -12.25 -30.06 12.12
CA GLU B 155 -11.51 -31.27 12.41
C GLU B 155 -11.05 -31.31 13.89
N LEU B 156 -10.69 -30.14 14.46
CA LEU B 156 -10.32 -30.09 15.90
C LEU B 156 -11.50 -30.48 16.78
N ILE B 157 -12.66 -29.95 16.41
CA ILE B 157 -13.84 -30.24 17.21
C ILE B 157 -14.28 -31.68 17.06
N GLY B 158 -14.13 -32.19 15.85
CA GLY B 158 -14.58 -33.55 15.51
C GLY B 158 -15.83 -33.65 14.68
N LEU B 159 -16.16 -32.59 13.96
CA LEU B 159 -17.36 -32.64 13.10
C LEU B 159 -17.11 -33.58 11.90
N PRO B 160 -18.08 -34.42 11.57
CA PRO B 160 -17.82 -35.45 10.49
C PRO B 160 -18.02 -34.88 9.03
N ASP B 161 -16.96 -35.02 8.22
CA ASP B 161 -17.02 -34.75 6.73
C ASP B 161 -17.88 -33.51 6.42
N PRO B 162 -17.49 -32.35 6.93
CA PRO B 162 -18.52 -31.28 6.94
C PRO B 162 -18.72 -30.54 5.57
N ASP B 163 -19.92 -30.00 5.30
CA ASP B 163 -20.16 -29.26 4.02
C ASP B 163 -19.44 -27.93 4.04
N ILE B 164 -18.48 -27.73 3.14
CA ILE B 164 -17.53 -26.63 3.32
C ILE B 164 -18.22 -25.26 3.07
N ALA B 165 -19.17 -25.26 2.14
CA ALA B 165 -20.00 -24.08 1.87
C ALA B 165 -20.75 -23.69 3.12
N GLN B 166 -21.37 -24.64 3.84
CA GLN B 166 -21.98 -24.28 5.16
C GLN B 166 -20.94 -23.76 6.12
N LEU B 167 -19.81 -24.43 6.23
CA LEU B 167 -18.78 -24.05 7.20
C LEU B 167 -18.32 -22.59 7.09
N VAL B 168 -18.15 -22.10 5.87
CA VAL B 168 -17.71 -20.71 5.72
C VAL B 168 -18.75 -19.74 6.28
N LYS B 169 -20.01 -19.92 5.88
CA LYS B 169 -21.07 -19.07 6.47
C LYS B 169 -21.12 -19.17 7.97
N TRP B 170 -21.07 -20.38 8.50
CA TRP B 170 -21.15 -20.59 9.92
C TRP B 170 -20.07 -19.85 10.67
N GLY B 171 -18.86 -19.95 10.17
CA GLY B 171 -17.67 -19.43 10.83
C GLY B 171 -17.52 -17.95 10.84
N TYR B 172 -18.21 -17.25 9.94
CA TYR B 172 -18.16 -15.79 9.92
CA TYR B 172 -18.19 -15.79 9.89
C TYR B 172 -19.43 -15.14 10.55
N ALA B 173 -20.37 -15.95 11.02
CA ALA B 173 -21.68 -15.45 11.48
C ALA B 173 -21.58 -14.64 12.74
N ALA B 174 -20.86 -15.13 13.72
CA ALA B 174 -20.86 -14.54 15.05
C ALA B 174 -20.36 -13.15 15.05
N THR B 175 -19.24 -12.86 14.43
CA THR B 175 -18.73 -11.48 14.42
C THR B 175 -19.72 -10.48 13.84
N GLN B 176 -20.37 -10.87 12.75
CA GLN B 176 -21.34 -9.99 12.10
C GLN B 176 -22.49 -9.68 13.06
N LEU B 177 -22.99 -10.73 13.69
CA LEU B 177 -24.06 -10.56 14.65
C LEU B 177 -23.72 -9.70 15.85
N LEU B 178 -22.52 -9.87 16.38
CA LEU B 178 -22.10 -9.22 17.63
C LEU B 178 -21.98 -7.73 17.48
N GLU B 179 -21.68 -7.31 16.25
CA GLU B 179 -21.38 -5.93 15.90
C GLU B 179 -22.48 -5.12 15.28
N GLY B 180 -23.34 -5.75 14.52
CA GLY B 180 -24.48 -5.04 13.94
C GLY B 180 -24.10 -3.95 12.96
N LEU B 181 -22.95 -4.11 12.30
CA LEU B 181 -22.43 -3.10 11.31
C LEU B 181 -22.72 -3.36 9.83
N VAL B 182 -22.74 -4.63 9.45
CA VAL B 182 -23.15 -5.03 8.09
C VAL B 182 -24.66 -4.74 7.89
N GLU B 183 -25.07 -4.82 6.63
CA GLU B 183 -26.44 -4.47 6.21
C GLU B 183 -27.43 -5.47 6.77
N ASN B 184 -28.70 -5.09 6.84
CA ASN B 184 -29.69 -5.94 7.52
C ASN B 184 -29.85 -7.32 6.85
N ASP B 185 -29.80 -7.37 5.52
CA ASP B 185 -29.90 -8.68 4.84
C ASP B 185 -28.77 -9.63 5.28
N GLN B 186 -27.58 -9.07 5.46
N GLN B 186 -27.56 -9.09 5.42
CA GLN B 186 -26.43 -9.84 5.93
CA GLN B 186 -26.41 -9.84 5.91
C GLN B 186 -26.56 -10.24 7.39
C GLN B 186 -26.56 -10.24 7.37
N LEU B 187 -27.14 -9.37 8.19
CA LEU B 187 -27.37 -9.72 9.59
C LEU B 187 -28.42 -10.85 9.71
N VAL B 188 -29.46 -10.79 8.90
CA VAL B 188 -30.47 -11.82 8.92
C VAL B 188 -29.83 -13.17 8.56
N ALA B 189 -28.99 -13.16 7.52
CA ALA B 189 -28.31 -14.37 7.08
C ALA B 189 -27.34 -14.91 8.14
N ALA B 190 -26.66 -14.01 8.85
CA ALA B 190 -25.78 -14.43 9.92
C ALA B 190 -26.56 -15.06 11.09
N GLY B 191 -27.73 -14.52 11.45
CA GLY B 191 -28.54 -15.16 12.50
C GLY B 191 -28.96 -16.59 12.12
N VAL B 192 -29.35 -16.78 10.86
CA VAL B 192 -29.68 -18.15 10.34
C VAL B 192 -28.48 -19.06 10.43
N ALA B 193 -27.33 -18.55 10.02
CA ALA B 193 -26.07 -19.33 10.06
C ALA B 193 -25.65 -19.73 11.45
N LEU B 194 -25.77 -18.79 12.41
CA LEU B 194 -25.41 -19.08 13.78
C LEU B 194 -26.39 -20.10 14.44
N MET B 195 -27.68 -19.99 14.11
CA MET B 195 -28.68 -21.00 14.55
C MET B 195 -28.32 -22.40 14.03
N GLU B 196 -27.98 -22.46 12.76
CA GLU B 196 -27.61 -23.73 12.10
C GLU B 196 -26.36 -24.35 12.76
N LEU B 197 -25.37 -23.52 13.00
CA LEU B 197 -24.10 -23.93 13.58
C LEU B 197 -24.34 -24.49 14.97
N SER B 198 -25.05 -23.71 15.78
N SER B 198 -25.04 -23.71 15.79
CA SER B 198 -25.35 -24.07 17.15
CA SER B 198 -25.34 -24.12 17.15
C SER B 198 -26.12 -25.42 17.22
C SER B 198 -26.08 -25.47 17.17
N GLY B 199 -27.10 -25.58 16.35
CA GLY B 199 -27.88 -26.78 16.32
C GLY B 199 -27.07 -28.02 15.90
N TYR B 200 -26.19 -27.82 14.93
CA TYR B 200 -25.31 -28.91 14.46
C TYR B 200 -24.32 -29.34 15.54
N ILE B 201 -23.73 -28.38 16.21
CA ILE B 201 -22.84 -28.68 17.31
C ILE B 201 -23.60 -29.46 18.42
N PHE B 202 -24.83 -29.02 18.74
CA PHE B 202 -25.56 -29.71 19.78
C PHE B 202 -25.87 -31.15 19.38
N GLU B 203 -26.25 -31.37 18.12
CA GLU B 203 -26.49 -32.73 17.57
C GLU B 203 -25.26 -33.59 17.72
N GLN B 204 -24.12 -33.04 17.33
CA GLN B 204 -22.87 -33.81 17.38
C GLN B 204 -22.42 -34.06 18.82
N PHE B 205 -22.68 -33.11 19.70
CA PHE B 205 -22.34 -33.24 21.12
C PHE B 205 -23.17 -34.37 21.75
N ASP B 206 -24.46 -34.43 21.43
CA ASP B 206 -25.29 -35.49 21.93
C ASP B 206 -24.81 -36.91 21.43
N ARG B 207 -24.41 -36.99 20.19
CA ARG B 207 -23.79 -38.23 19.63
C ARG B 207 -22.50 -38.62 20.30
N ALA B 208 -21.69 -37.63 20.60
CA ALA B 208 -20.41 -37.90 21.22
C ALA B 208 -20.55 -38.44 22.61
N ALA B 209 -21.60 -37.99 23.33
CA ALA B 209 -21.84 -38.39 24.71
C ALA B 209 -22.05 -39.89 24.82
N ALA B 210 -22.62 -40.49 23.76
CA ALA B 210 -22.81 -41.93 23.75
C ALA B 210 -21.53 -42.71 23.33
N ASP B 211 -20.58 -42.01 22.67
CA ASP B 211 -19.32 -42.68 22.26
C ASP B 211 -18.18 -41.69 22.08
N PRO B 212 -17.65 -41.17 23.20
CA PRO B 212 -16.63 -40.12 23.06
C PRO B 212 -15.33 -40.60 22.44
N ARG B 213 -14.84 -39.79 21.51
CA ARG B 213 -13.63 -40.07 20.71
C ARG B 213 -12.59 -38.98 21.05
N ASP B 214 -11.39 -39.07 20.48
CA ASP B 214 -10.33 -38.14 20.87
C ASP B 214 -10.42 -36.83 20.07
N ASN B 215 -11.45 -36.05 20.40
CA ASN B 215 -11.64 -34.78 19.80
C ASN B 215 -12.34 -33.92 20.82
N LEU B 216 -12.54 -32.65 20.49
CA LEU B 216 -13.02 -31.73 21.52
C LEU B 216 -14.41 -32.11 21.94
N LEU B 217 -15.27 -32.57 21.00
CA LEU B 217 -16.60 -33.08 21.37
C LEU B 217 -16.50 -34.14 22.44
N GLY B 218 -15.61 -35.11 22.27
CA GLY B 218 -15.47 -36.17 23.24
C GLY B 218 -14.93 -35.70 24.55
N GLU B 219 -13.97 -34.79 24.52
CA GLU B 219 -13.42 -34.22 25.73
C GLU B 219 -14.50 -33.51 26.58
N LEU B 220 -15.30 -32.71 25.91
CA LEU B 220 -16.30 -31.92 26.60
C LEU B 220 -17.46 -32.80 27.05
N ALA B 221 -17.80 -33.80 26.26
CA ALA B 221 -18.82 -34.77 26.70
C ALA B 221 -18.47 -35.47 28.04
N THR B 222 -17.25 -35.94 28.13
CA THR B 222 -16.73 -36.55 29.32
C THR B 222 -16.68 -35.59 30.50
N ALA B 223 -16.20 -34.36 30.23
CA ALA B 223 -16.11 -33.36 31.28
C ALA B 223 -17.49 -33.01 31.81
N CYS B 224 -18.48 -32.98 30.92
CA CYS B 224 -19.88 -32.73 31.36
C CYS B 224 -20.39 -33.86 32.23
N ALA B 225 -20.03 -35.08 31.86
CA ALA B 225 -20.51 -36.25 32.58
C ALA B 225 -19.93 -36.33 34.00
N SER B 226 -18.65 -35.92 34.13
CA SER B 226 -18.06 -35.90 35.46
C SER B 226 -18.44 -34.70 36.31
N GLY B 227 -19.23 -33.79 35.76
CA GLY B 227 -19.71 -32.61 36.49
C GLY B 227 -18.73 -31.45 36.41
N GLU B 228 -17.73 -31.56 35.56
CA GLU B 228 -16.67 -30.53 35.53
C GLU B 228 -17.13 -29.24 34.84
N LEU B 229 -18.07 -29.38 33.92
CA LEU B 229 -18.71 -28.23 33.33
C LEU B 229 -20.15 -28.62 32.92
N ASP B 230 -20.90 -27.60 32.61
CA ASP B 230 -22.27 -27.68 32.23
C ASP B 230 -22.42 -27.76 30.71
N THR B 231 -23.57 -28.28 30.26
N THR B 231 -23.55 -28.27 30.25
CA THR B 231 -23.85 -28.45 28.82
CA THR B 231 -23.60 -28.51 28.84
C THR B 231 -23.81 -27.17 28.00
C THR B 231 -23.69 -27.17 28.04
N LEU B 232 -24.40 -26.13 28.56
CA LEU B 232 -24.41 -24.81 27.89
C LEU B 232 -22.96 -24.34 27.69
N THR B 233 -22.15 -24.52 28.72
CA THR B 233 -20.76 -24.07 28.68
C THR B 233 -19.98 -24.75 27.56
N ALA B 234 -20.09 -26.06 27.53
CA ALA B 234 -19.45 -26.82 26.49
C ALA B 234 -19.89 -26.39 25.08
N GLN B 235 -21.19 -26.18 24.90
CA GLN B 235 -21.76 -25.76 23.65
C GLN B 235 -21.14 -24.45 23.15
N VAL B 236 -21.18 -23.46 24.03
CA VAL B 236 -20.68 -22.18 23.70
C VAL B 236 -19.18 -22.25 23.39
N MET B 237 -18.44 -23.04 24.16
N MET B 237 -18.42 -23.07 24.11
CA MET B 237 -17.00 -23.19 23.91
CA MET B 237 -16.99 -23.16 23.85
C MET B 237 -16.74 -23.60 22.45
C MET B 237 -16.71 -23.62 22.41
N MET B 238 -17.48 -24.58 21.93
CA MET B 238 -17.23 -25.09 20.58
C MET B 238 -17.71 -24.09 19.52
N VAL B 239 -18.88 -23.50 19.72
CA VAL B 239 -19.41 -22.57 18.77
C VAL B 239 -18.46 -21.38 18.61
N THR B 240 -17.94 -20.88 19.71
CA THR B 240 -17.04 -19.72 19.66
C THR B 240 -15.69 -19.99 19.03
N LEU B 241 -15.32 -21.25 18.87
CA LEU B 241 -14.01 -21.57 18.27
C LEU B 241 -13.93 -21.25 16.78
N PHE B 242 -15.05 -21.22 16.09
CA PHE B 242 -15.03 -20.86 14.67
C PHE B 242 -14.58 -19.43 14.45
N ALA B 243 -15.15 -18.49 15.23
CA ALA B 243 -14.68 -17.09 15.12
C ALA B 243 -13.24 -16.97 15.67
N ALA B 244 -12.99 -17.66 16.79
CA ALA B 244 -11.71 -17.52 17.51
C ALA B 244 -10.51 -18.01 16.68
N GLY B 245 -10.71 -19.15 16.07
CA GLY B 245 -9.61 -19.85 15.39
C GLY B 245 -9.77 -19.99 13.88
N GLY B 246 -10.98 -19.87 13.35
CA GLY B 246 -11.22 -19.98 11.93
C GLY B 246 -11.17 -18.63 11.26
N GLU B 247 -12.01 -17.68 11.74
CA GLU B 247 -12.04 -16.36 11.17
C GLU B 247 -10.72 -15.57 11.30
N SER B 248 -10.10 -15.72 12.46
CA SER B 248 -8.81 -15.05 12.71
C SER B 248 -7.72 -15.56 11.73
N THR B 249 -7.62 -16.89 11.62
CA THR B 249 -6.62 -17.48 10.71
C THR B 249 -6.93 -17.16 9.24
N ALA B 250 -8.20 -17.15 8.86
CA ALA B 250 -8.62 -16.67 7.51
C ALA B 250 -8.06 -15.28 7.21
N ALA B 251 -8.22 -14.38 8.20
CA ALA B 251 -7.76 -13.06 8.05
C ALA B 251 -6.26 -13.00 7.80
N LEU B 252 -5.51 -13.77 8.56
CA LEU B 252 -4.06 -13.84 8.33
C LEU B 252 -3.73 -14.37 6.92
N LEU B 253 -4.40 -15.46 6.54
CA LEU B 253 -4.11 -16.02 5.20
C LEU B 253 -4.41 -15.00 4.07
N GLY B 254 -5.45 -14.20 4.28
CA GLY B 254 -5.82 -13.18 3.35
C GLY B 254 -4.83 -12.03 3.31
N SER B 255 -4.48 -11.53 4.49
CA SER B 255 -3.64 -10.33 4.55
C SER B 255 -2.20 -10.62 4.14
N ALA B 256 -1.73 -11.82 4.47
CA ALA B 256 -0.36 -12.17 4.05
C ALA B 256 -0.27 -12.18 2.54
N VAL B 257 -1.26 -12.83 1.90
CA VAL B 257 -1.21 -12.94 0.42
C VAL B 257 -1.44 -11.57 -0.23
N TRP B 258 -2.37 -10.75 0.31
CA TRP B 258 -2.54 -9.36 -0.11
C TRP B 258 -1.22 -8.60 -0.13
N ILE B 259 -0.50 -8.69 0.99
CA ILE B 259 0.81 -8.00 1.06
C ILE B 259 1.76 -8.53 -0.06
N LEU B 260 1.87 -9.86 -0.21
CA LEU B 260 2.68 -10.37 -1.33
C LEU B 260 2.27 -9.85 -2.72
N ALA B 261 0.98 -9.88 -2.99
CA ALA B 261 0.41 -9.52 -4.25
C ALA B 261 0.55 -8.03 -4.59
N THR B 262 0.64 -7.18 -3.54
CA THR B 262 0.65 -5.74 -3.71
C THR B 262 1.99 -5.03 -3.43
N ARG B 263 2.94 -5.78 -2.89
N ARG B 263 2.93 -5.80 -2.89
CA ARG B 263 4.24 -5.24 -2.51
CA ARG B 263 4.27 -5.28 -2.57
C ARG B 263 5.34 -6.06 -3.23
C ARG B 263 5.32 -6.10 -3.27
N PRO B 264 5.59 -5.72 -4.50
CA PRO B 264 6.53 -6.56 -5.26
C PRO B 264 7.93 -6.68 -4.63
N ASP B 265 8.40 -5.62 -3.93
CA ASP B 265 9.73 -5.68 -3.27
C ASP B 265 9.75 -6.77 -2.19
N ILE B 266 8.64 -6.87 -1.43
CA ILE B 266 8.53 -7.85 -0.35
C ILE B 266 8.46 -9.26 -0.98
N GLN B 267 7.62 -9.43 -1.99
CA GLN B 267 7.50 -10.72 -2.69
C GLN B 267 8.87 -11.17 -3.22
N GLN B 268 9.64 -10.23 -3.77
N GLN B 268 9.59 -10.31 -3.91
CA GLN B 268 10.87 -10.65 -4.43
CA GLN B 268 10.91 -10.67 -4.43
C GLN B 268 11.88 -11.06 -3.36
C GLN B 268 11.78 -11.19 -3.27
N GLN B 269 11.82 -10.42 -2.20
CA GLN B 269 12.73 -10.76 -1.11
C GLN B 269 12.43 -12.13 -0.56
N VAL B 270 11.15 -12.45 -0.33
CA VAL B 270 10.77 -13.75 0.21
C VAL B 270 11.05 -14.90 -0.81
N ARG B 271 10.87 -14.59 -2.09
CA ARG B 271 11.26 -15.57 -3.11
C ARG B 271 12.75 -15.83 -3.16
N ALA B 272 13.53 -14.77 -3.05
CA ALA B 272 14.98 -14.87 -3.12
C ALA B 272 15.63 -15.58 -1.90
N ASN B 273 15.04 -15.38 -0.72
CA ASN B 273 15.52 -15.87 0.56
C ASN B 273 14.39 -16.48 1.32
N PRO B 274 14.03 -17.71 1.02
CA PRO B 274 12.83 -18.34 1.59
C PRO B 274 12.91 -18.50 3.10
N GLU B 275 14.13 -18.42 3.64
CA GLU B 275 14.32 -18.36 5.10
C GLU B 275 13.62 -17.16 5.75
N LEU B 276 13.25 -16.15 4.96
CA LEU B 276 12.49 -14.98 5.46
C LEU B 276 11.03 -15.26 5.62
N LEU B 277 10.54 -16.45 5.24
CA LEU B 277 9.09 -16.67 5.36
C LEU B 277 8.52 -16.55 6.79
N GLY B 278 9.27 -17.00 7.76
CA GLY B 278 8.89 -16.91 9.17
C GLY B 278 8.74 -15.44 9.52
N ALA B 279 9.75 -14.66 9.18
CA ALA B 279 9.77 -13.19 9.51
C ALA B 279 8.60 -12.51 8.82
N PHE B 280 8.30 -12.94 7.59
CA PHE B 280 7.18 -12.42 6.78
C PHE B 280 5.84 -12.66 7.46
N ILE B 281 5.65 -13.85 7.93
CA ILE B 281 4.39 -14.19 8.66
C ILE B 281 4.28 -13.35 9.94
N GLU B 282 5.38 -13.24 10.70
CA GLU B 282 5.32 -12.47 11.96
C GLU B 282 5.05 -11.01 11.64
N GLU B 283 5.65 -10.49 10.60
CA GLU B 283 5.45 -9.10 10.24
C GLU B 283 4.02 -8.84 9.80
N THR B 284 3.42 -9.80 9.08
CA THR B 284 2.00 -9.69 8.70
C THR B 284 1.14 -9.62 9.96
N LEU B 285 1.43 -10.49 10.91
CA LEU B 285 0.73 -10.47 12.20
C LEU B 285 0.86 -9.15 12.88
N ARG B 286 2.05 -8.55 12.86
CA ARG B 286 2.22 -7.23 13.51
C ARG B 286 1.52 -6.11 12.76
N TYR B 287 1.69 -6.05 11.43
CA TYR B 287 1.24 -4.96 10.58
C TYR B 287 -0.24 -4.93 10.25
N GLU B 288 -0.87 -6.09 10.07
CA GLU B 288 -2.31 -6.17 9.83
C GLU B 288 -2.85 -7.29 10.71
N PRO B 289 -2.90 -7.06 12.02
CA PRO B 289 -3.36 -8.13 12.89
C PRO B 289 -4.81 -8.57 12.58
N PRO B 290 -5.06 -9.90 12.62
CA PRO B 290 -6.41 -10.42 12.35
C PRO B 290 -7.48 -9.77 13.28
N PHE B 291 -7.16 -9.55 14.56
CA PHE B 291 -8.07 -8.86 15.46
C PHE B 291 -7.64 -7.42 15.58
N ARG B 292 -8.58 -6.50 15.35
CA ARG B 292 -8.40 -5.08 15.61
C ARG B 292 -8.57 -4.85 17.09
N GLY B 293 -9.35 -5.66 17.77
CA GLY B 293 -9.45 -5.52 19.27
C GLY B 293 -10.32 -6.54 19.91
N HIS B 294 -10.22 -6.57 21.22
CA HIS B 294 -11.03 -7.36 22.12
C HIS B 294 -11.46 -6.45 23.27
N TYR B 295 -12.66 -6.73 23.72
CA TYR B 295 -13.20 -5.93 24.85
C TYR B 295 -12.79 -6.44 26.23
N ARG B 296 -12.92 -5.53 27.22
CA ARG B 296 -12.96 -5.89 28.63
C ARG B 296 -14.11 -5.09 29.28
N HIS B 297 -14.57 -5.62 30.36
CA HIS B 297 -15.53 -4.92 31.24
C HIS B 297 -14.77 -4.42 32.47
N VAL B 298 -14.96 -3.13 32.72
CA VAL B 298 -14.33 -2.45 33.88
C VAL B 298 -15.19 -2.69 35.13
N ARG B 299 -14.69 -3.50 36.03
CA ARG B 299 -15.43 -4.02 37.14
C ARG B 299 -15.59 -2.94 38.26
N ASN B 300 -14.50 -2.18 38.50
CA ASN B 300 -14.41 -1.20 39.52
C ASN B 300 -14.01 0.16 38.93
N ALA B 301 -14.37 1.30 39.56
CA ALA B 301 -13.76 2.58 39.18
C ALA B 301 -12.26 2.45 39.45
N THR B 302 -11.48 2.81 38.44
CA THR B 302 -10.06 2.65 38.47
C THR B 302 -9.39 3.64 37.52
N THR B 303 -8.09 3.39 37.28
N THR B 303 -8.07 3.44 37.32
CA THR B 303 -7.35 4.18 36.34
CA THR B 303 -7.35 4.22 36.33
C THR B 303 -6.53 3.25 35.45
C THR B 303 -6.55 3.27 35.45
N LEU B 304 -6.28 3.75 34.23
CA LEU B 304 -5.33 3.11 33.34
C LEU B 304 -4.59 4.16 32.57
N ASP B 305 -3.25 4.09 32.58
CA ASP B 305 -2.42 5.09 31.92
C ASP B 305 -2.79 6.51 32.39
N GLY B 306 -3.20 6.63 33.63
CA GLY B 306 -3.52 7.91 34.22
C GLY B 306 -4.94 8.37 33.97
N THR B 307 -5.70 7.59 33.24
CA THR B 307 -7.01 8.01 32.77
C THR B 307 -8.05 7.38 33.70
N GLU B 308 -8.98 8.22 34.19
CA GLU B 308 -9.98 7.73 35.11
C GLU B 308 -11.01 6.90 34.33
N LEU B 309 -11.37 5.73 34.84
CA LEU B 309 -12.37 4.82 34.20
C LEU B 309 -13.47 4.56 35.24
N PRO B 310 -14.72 4.80 34.87
CA PRO B 310 -15.77 4.53 35.83
C PRO B 310 -16.15 3.06 35.91
N ALA B 311 -16.71 2.58 37.03
CA ALA B 311 -17.29 1.24 37.09
C ALA B 311 -18.29 1.02 35.98
N ASP B 312 -18.20 -0.19 35.37
CA ASP B 312 -19.13 -0.65 34.34
C ASP B 312 -18.95 0.03 33.03
N SER B 313 -17.81 0.67 32.86
CA SER B 313 -17.38 1.07 31.55
C SER B 313 -16.72 -0.17 30.87
N HIS B 314 -16.24 0.06 29.63
CA HIS B 314 -15.59 -1.06 28.91
C HIS B 314 -14.34 -0.56 28.26
N LEU B 315 -13.38 -1.46 28.09
CA LEU B 315 -12.21 -1.19 27.27
C LEU B 315 -12.35 -1.86 25.90
N LEU B 316 -11.70 -1.27 24.94
CA LEU B 316 -11.48 -1.92 23.63
C LEU B 316 -9.94 -1.89 23.45
N LEU B 317 -9.33 -3.09 23.53
CA LEU B 317 -7.89 -3.25 23.48
C LEU B 317 -7.50 -3.34 22.02
N LEU B 318 -6.83 -2.34 21.52
CA LEU B 318 -6.53 -2.20 20.10
C LEU B 318 -5.15 -2.78 19.78
N TRP B 319 -5.17 -4.05 19.38
CA TRP B 319 -3.90 -4.77 19.17
C TRP B 319 -3.15 -4.14 18.00
N GLY B 320 -3.84 -3.75 16.95
CA GLY B 320 -3.24 -3.07 15.83
C GLY B 320 -2.59 -1.76 16.17
N ALA B 321 -3.28 -0.97 17.00
CA ALA B 321 -2.61 0.24 17.46
C ALA B 321 -1.35 -0.01 18.31
N ALA B 322 -1.46 -0.94 19.24
CA ALA B 322 -0.34 -1.36 20.10
C ALA B 322 0.87 -1.76 19.26
N ASN B 323 0.60 -2.51 18.21
CA ASN B 323 1.66 -2.96 17.31
C ASN B 323 2.29 -1.86 16.44
N ARG B 324 1.74 -0.65 16.45
CA ARG B 324 2.34 0.47 15.75
C ARG B 324 2.96 1.49 16.73
N ASP B 325 3.05 1.12 18.00
CA ASP B 325 3.55 2.07 19.03
C ASP B 325 5.03 2.37 18.72
N PRO B 326 5.39 3.62 18.45
CA PRO B 326 6.81 3.95 18.16
C PRO B 326 7.69 3.76 19.40
N ALA B 327 7.11 3.60 20.59
CA ALA B 327 7.94 3.25 21.74
C ALA B 327 8.48 1.82 21.66
N GLN B 328 7.83 0.96 20.89
CA GLN B 328 8.22 -0.46 20.78
C GLN B 328 8.90 -0.86 19.46
N PHE B 329 8.57 -0.16 18.38
CA PHE B 329 9.04 -0.52 17.08
C PHE B 329 9.61 0.69 16.36
N GLU B 330 10.80 0.51 15.75
CA GLU B 330 11.32 1.47 14.78
C GLU B 330 10.50 1.46 13.51
N ALA B 331 10.21 2.63 12.94
CA ALA B 331 9.45 2.72 11.69
C ALA B 331 8.24 1.82 11.75
N PRO B 332 7.38 2.03 12.78
CA PRO B 332 6.26 1.11 13.01
C PRO B 332 5.26 1.00 11.86
N GLY B 333 5.14 2.08 11.07
CA GLY B 333 4.22 2.11 9.94
C GLY B 333 4.71 1.42 8.67
N GLU B 334 5.95 0.89 8.73
CA GLU B 334 6.57 0.19 7.54
C GLU B 334 6.50 -1.31 7.74
N PHE B 335 6.22 -1.99 6.64
CA PHE B 335 6.29 -3.42 6.61
C PHE B 335 7.72 -3.85 6.27
N ARG B 336 8.40 -4.42 7.24
CA ARG B 336 9.86 -4.77 7.15
C ARG B 336 10.17 -6.22 7.48
N LEU B 337 11.15 -6.78 6.77
CA LEU B 337 11.59 -8.17 7.03
C LEU B 337 12.85 -8.41 7.86
N ASP B 338 13.35 -7.33 8.47
CA ASP B 338 14.60 -7.30 9.15
C ASP B 338 14.44 -6.95 10.62
N ARG B 339 13.29 -7.28 11.21
CA ARG B 339 13.00 -6.76 12.59
C ARG B 339 13.63 -7.63 13.68
N LYS B 343 11.68 -8.01 19.86
CA LYS B 343 10.51 -7.18 20.22
C LYS B 343 9.14 -7.91 20.04
N GLY B 344 8.87 -8.38 18.83
CA GLY B 344 7.73 -9.21 18.56
C GLY B 344 6.47 -8.45 18.15
N HIS B 345 5.35 -8.89 18.62
CA HIS B 345 4.09 -8.17 18.46
C HIS B 345 3.16 -8.74 19.55
N ILE B 346 1.96 -8.16 19.68
CA ILE B 346 0.98 -8.57 20.69
C ILE B 346 -0.32 -9.12 20.02
N SER B 347 -0.19 -9.60 18.77
CA SER B 347 -1.36 -10.01 18.03
C SER B 347 -2.08 -11.26 18.55
N PHE B 348 -1.38 -12.05 19.35
CA PHE B 348 -1.89 -13.25 20.02
C PHE B 348 -2.21 -12.99 21.51
N GLY B 349 -2.21 -11.72 21.92
CA GLY B 349 -2.52 -11.44 23.34
C GLY B 349 -1.37 -11.76 24.24
N LYS B 350 -1.62 -11.66 25.54
CA LYS B 350 -0.64 -11.87 26.56
C LYS B 350 -1.36 -12.19 27.88
N GLY B 351 -0.76 -12.95 28.81
CA GLY B 351 -1.24 -13.13 30.10
C GLY B 351 -2.16 -14.31 30.14
N ALA B 352 -3.17 -14.24 30.98
CA ALA B 352 -4.01 -15.36 31.33
C ALA B 352 -4.68 -15.98 30.10
N HIS B 353 -5.05 -15.14 29.18
CA HIS B 353 -5.82 -15.52 28.02
C HIS B 353 -5.00 -15.56 26.71
N PHE B 354 -3.68 -15.59 26.80
CA PHE B 354 -2.91 -15.60 25.58
C PHE B 354 -3.35 -16.73 24.67
N CYS B 355 -3.26 -16.50 23.36
CA CYS B 355 -3.85 -17.40 22.36
C CYS B 355 -3.25 -18.80 22.45
N VAL B 356 -4.08 -19.78 22.65
CA VAL B 356 -3.66 -21.20 22.68
C VAL B 356 -3.51 -21.76 21.28
N GLY B 357 -4.08 -21.10 20.29
CA GLY B 357 -4.02 -21.60 18.91
C GLY B 357 -2.94 -21.01 18.04
N ALA B 358 -2.07 -20.21 18.62
CA ALA B 358 -1.06 -19.49 17.83
C ALA B 358 -0.18 -20.42 16.96
N ALA B 359 0.25 -21.54 17.53
CA ALA B 359 1.08 -22.46 16.73
C ALA B 359 0.32 -23.05 15.57
N LEU B 360 -0.97 -23.35 15.80
CA LEU B 360 -1.81 -23.84 14.76
C LEU B 360 -2.03 -22.85 13.63
N ALA B 361 -2.27 -21.59 13.95
CA ALA B 361 -2.43 -20.56 12.99
C ALA B 361 -1.15 -20.36 12.20
N ARG B 362 -0.02 -20.31 12.90
CA ARG B 362 1.27 -20.16 12.19
C ARG B 362 1.58 -21.34 11.23
N LEU B 363 1.19 -22.53 11.62
CA LEU B 363 1.45 -23.70 10.78
C LEU B 363 0.57 -23.66 9.55
N GLU B 364 -0.69 -23.24 9.68
CA GLU B 364 -1.53 -23.07 8.54
C GLU B 364 -0.94 -22.05 7.58
N ALA B 365 -0.52 -20.90 8.11
CA ALA B 365 0.09 -19.86 7.24
C ALA B 365 1.32 -20.39 6.52
N ARG B 366 2.20 -21.07 7.23
CA ARG B 366 3.41 -21.62 6.59
C ARG B 366 3.02 -22.57 5.46
N ILE B 367 2.16 -23.54 5.75
CA ILE B 367 1.79 -24.50 4.72
C ILE B 367 1.20 -23.82 3.51
N VAL B 368 0.26 -22.91 3.72
CA VAL B 368 -0.43 -22.28 2.60
C VAL B 368 0.48 -21.36 1.82
N LEU B 369 1.30 -20.58 2.53
CA LEU B 369 2.21 -19.67 1.85
C LEU B 369 3.36 -20.39 1.11
N ARG B 370 3.87 -21.45 1.73
CA ARG B 370 4.91 -22.25 0.99
C ARG B 370 4.32 -22.80 -0.34
N LEU B 371 3.05 -23.21 -0.30
CA LEU B 371 2.38 -23.80 -1.45
C LEU B 371 2.26 -22.74 -2.52
N LEU B 372 1.73 -21.55 -2.15
CA LEU B 372 1.53 -20.51 -3.07
C LEU B 372 2.82 -20.03 -3.73
N LEU B 373 3.86 -19.89 -2.95
CA LEU B 373 5.13 -19.42 -3.49
C LEU B 373 5.78 -20.47 -4.37
N ASP B 374 5.62 -21.74 -4.03
CA ASP B 374 6.27 -22.79 -4.76
C ASP B 374 5.58 -23.06 -6.09
N ARG B 375 4.28 -22.86 -6.14
CA ARG B 375 3.49 -23.20 -7.31
C ARG B 375 3.36 -22.08 -8.27
N THR B 376 3.92 -20.95 -7.89
CA THR B 376 3.86 -19.73 -8.75
C THR B 376 5.23 -19.11 -8.98
N SER B 377 5.36 -18.36 -10.08
CA SER B 377 6.50 -17.51 -10.29
C SER B 377 6.20 -16.04 -10.08
N VAL B 378 4.96 -15.64 -10.36
CA VAL B 378 4.48 -14.27 -10.24
C VAL B 378 3.13 -14.33 -9.59
N ILE B 379 2.92 -13.48 -8.58
CA ILE B 379 1.57 -13.22 -8.01
C ILE B 379 1.29 -11.74 -8.12
N GLU B 380 0.12 -11.38 -8.66
CA GLU B 380 -0.34 -10.01 -8.70
C GLU B 380 -1.80 -9.97 -8.28
N ALA B 381 -2.22 -8.83 -7.75
CA ALA B 381 -3.62 -8.59 -7.40
C ALA B 381 -4.43 -8.08 -8.60
N ALA B 382 -5.38 -8.88 -9.08
CA ALA B 382 -6.28 -8.48 -10.14
C ALA B 382 -7.49 -7.65 -9.61
N ASP B 383 -7.94 -7.98 -8.40
CA ASP B 383 -9.11 -7.27 -7.79
C ASP B 383 -9.06 -7.40 -6.28
N VAL B 384 -8.78 -6.27 -5.62
CA VAL B 384 -8.74 -6.23 -4.16
C VAL B 384 -10.06 -5.67 -3.64
N GLY B 385 -10.78 -6.48 -2.88
CA GLY B 385 -12.00 -6.03 -2.32
C GLY B 385 -11.77 -5.23 -1.04
N GLY B 386 -12.86 -4.81 -0.44
CA GLY B 386 -12.73 -4.07 0.77
C GLY B 386 -12.54 -4.91 2.02
N TRP B 387 -12.22 -4.22 3.10
CA TRP B 387 -12.17 -4.83 4.38
C TRP B 387 -13.59 -5.03 4.98
N LEU B 388 -13.78 -6.12 5.69
CA LEU B 388 -15.07 -6.37 6.38
C LEU B 388 -15.41 -5.13 7.24
N PRO B 389 -16.68 -4.67 7.24
CA PRO B 389 -17.01 -3.61 8.18
C PRO B 389 -17.10 -4.19 9.60
N SER B 390 -16.11 -3.86 10.38
CA SER B 390 -15.93 -4.40 11.69
C SER B 390 -14.99 -3.49 12.47
N ILE B 391 -15.24 -3.40 13.78
CA ILE B 391 -14.22 -2.81 14.69
C ILE B 391 -13.42 -3.86 15.49
N LEU B 392 -13.69 -5.16 15.24
CA LEU B 392 -13.04 -6.23 15.95
C LEU B 392 -12.13 -7.10 15.09
N VAL B 393 -12.50 -7.31 13.82
CA VAL B 393 -11.77 -8.23 12.93
C VAL B 393 -11.34 -7.40 11.70
N ARG B 394 -10.08 -7.67 11.30
CA ARG B 394 -9.46 -7.07 10.17
C ARG B 394 -9.26 -8.13 9.04
N ARG B 395 -10.23 -8.25 8.16
CA ARG B 395 -10.26 -9.31 7.11
C ARG B 395 -10.68 -8.73 5.80
N ILE B 396 -9.95 -9.05 4.74
CA ILE B 396 -10.29 -8.66 3.34
C ILE B 396 -11.40 -9.57 2.83
N GLU B 397 -12.38 -8.98 2.18
CA GLU B 397 -13.55 -9.76 1.74
C GLU B 397 -13.35 -10.56 0.43
N ARG B 398 -12.51 -10.01 -0.45
CA ARG B 398 -12.30 -10.60 -1.79
C ARG B 398 -10.92 -10.22 -2.24
N LEU B 399 -10.19 -11.18 -2.83
CA LEU B 399 -8.87 -10.91 -3.31
C LEU B 399 -8.62 -11.81 -4.56
N GLU B 400 -8.93 -11.28 -5.73
CA GLU B 400 -8.69 -12.02 -6.99
C GLU B 400 -7.21 -11.84 -7.38
N LEU B 401 -6.53 -12.98 -7.53
CA LEU B 401 -5.13 -13.01 -7.92
C LEU B 401 -4.98 -13.39 -9.38
N ALA B 402 -3.94 -12.82 -10.00
CA ALA B 402 -3.45 -13.20 -11.31
C ALA B 402 -2.09 -13.87 -11.03
N VAL B 403 -1.97 -15.15 -11.37
CA VAL B 403 -0.75 -15.90 -11.04
C VAL B 403 -0.22 -16.55 -12.32
N GLN B 404 1.09 -16.76 -12.34
CA GLN B 404 1.77 -17.65 -13.32
C GLN B 404 2.76 -18.55 -12.65
CHA HEM C . 4.64 19.02 -18.78
CHB HEM C . 5.35 14.35 -17.85
CHC HEM C . 9.04 14.24 -21.13
CHD HEM C . 8.69 19.04 -21.43
C1A HEM C . 4.49 17.77 -18.29
C2A HEM C . 3.48 17.30 -17.38
C3A HEM C . 3.71 16.02 -17.09
C4A HEM C . 4.85 15.65 -17.87
CMA HEM C . 2.94 15.11 -16.14
CAA HEM C . 2.36 18.23 -16.80
CBA HEM C . 2.77 18.89 -15.53
CGA HEM C . 1.64 19.63 -14.84
O1A HEM C . 0.46 19.43 -15.16
O2A HEM C . 2.00 20.40 -13.89
C1B HEM C . 6.46 13.93 -18.63
C2B HEM C . 6.88 12.58 -18.66
C3B HEM C . 7.96 12.50 -19.59
C4B HEM C . 8.15 13.84 -20.14
CMB HEM C . 6.32 11.40 -17.85
CAB HEM C . 8.82 11.37 -20.05
CBB HEM C . 8.56 10.11 -19.92
C1C HEM C . 9.23 15.50 -21.57
C2C HEM C . 10.20 15.92 -22.51
C3C HEM C . 10.13 17.31 -22.55
C4C HEM C . 9.10 17.72 -21.62
CMC HEM C . 11.07 14.95 -23.31
CAC HEM C . 10.93 18.24 -23.37
CBC HEM C . 12.00 17.86 -24.06
C1D HEM C . 7.54 19.36 -20.69
C2D HEM C . 7.15 20.79 -20.62
C3D HEM C . 5.99 20.79 -19.92
C4D HEM C . 5.73 19.39 -19.54
CMD HEM C . 7.86 22.04 -21.16
CAD HEM C . 5.15 22.02 -19.51
CBD HEM C . 4.11 22.28 -20.61
CGD HEM C . 3.21 23.45 -20.29
O1D HEM C . 2.39 23.89 -21.14
O2D HEM C . 3.33 23.97 -19.18
NA HEM C . 5.29 16.68 -18.65
NB HEM C . 7.16 14.65 -19.57
NC HEM C . 8.52 16.61 -21.10
ND HEM C . 6.65 18.55 -20.15
FE HEM C . 6.86 16.64 -19.90
CHA HEM D . -7.19 -16.10 22.55
CHB HEM D . -5.59 -13.97 18.55
CHC HEM D . -5.86 -18.25 16.11
CHD HEM D . -8.07 -20.12 20.01
C1A HEM D . -6.71 -15.16 21.66
C2A HEM D . -6.41 -13.79 21.94
C3A HEM D . -6.01 -13.20 20.83
C4A HEM D . -5.96 -14.23 19.82
CMA HEM D . -5.62 -11.73 20.62
CAA HEM D . -6.60 -13.10 23.34
CBA HEM D . -8.01 -12.50 23.49
CGA HEM D . -8.20 -11.63 24.73
O1A HEM D . -7.23 -11.19 25.34
O2A HEM D . -9.37 -11.35 25.06
C1B HEM D . -5.56 -14.95 17.51
C2B HEM D . -5.04 -14.70 16.20
C3B HEM D . -5.13 -15.93 15.48
C4B HEM D . -5.65 -16.90 16.37
CMB HEM D . -4.51 -13.42 15.68
CAB HEM D . -4.78 -16.25 14.12
CBB HEM D . -3.90 -15.64 13.37
C1C HEM D . -6.45 -19.13 16.96
C2C HEM D . -6.71 -20.48 16.70
C3C HEM D . -7.34 -21.05 17.77
C4C HEM D . -7.46 -19.98 18.76
CMC HEM D . -6.28 -21.15 15.38
CAC HEM D . -7.84 -22.38 18.01
CBC HEM D . -8.06 -23.26 17.07
C1D HEM D . -8.01 -19.09 20.99
C2D HEM D . -8.55 -19.39 22.32
C3D HEM D . -8.25 -18.32 23.07
C4D HEM D . -7.60 -17.38 22.18
CMD HEM D . -9.29 -20.62 22.80
CAD HEM D . -8.70 -18.03 24.48
CBD HEM D . -7.59 -18.54 25.46
CGD HEM D . -7.92 -18.31 26.90
O1D HEM D . -7.20 -18.79 27.78
O2D HEM D . -8.90 -17.62 27.19
NA HEM D . -6.34 -15.40 20.36
NB HEM D . -5.85 -16.27 17.64
NC HEM D . -6.82 -18.86 18.23
ND HEM D . -7.32 -17.95 20.96
FE HEM D . -6.52 -17.14 19.34
#